data_1OB6
# 
_entry.id   1OB6 
# 
_audit_conform.dict_name       mmcif_pdbx.dic 
_audit_conform.dict_version    5.403 
_audit_conform.dict_location   http://mmcif.pdb.org/dictionaries/ascii/mmcif_pdbx.dic 
# 
loop_
_database_2.database_id 
_database_2.database_code 
_database_2.pdbx_database_accession 
_database_2.pdbx_DOI 
PDB   1OB6         pdb_00001ob6 10.2210/pdb1ob6/pdb 
PDBE  EBI-12026    ?            ?                   
WWPDB D_1290012026 ?            ?                   
# 
loop_
_pdbx_audit_revision_history.ordinal 
_pdbx_audit_revision_history.data_content_type 
_pdbx_audit_revision_history.major_revision 
_pdbx_audit_revision_history.minor_revision 
_pdbx_audit_revision_history.revision_date 
_pdbx_audit_revision_history.part_number 
1 'Structure model' 1 0 2003-12-11 ? 
2 'Structure model' 1 1 2011-07-13 ? 
3 'Structure model' 1 2 2012-11-30 ? 
4 'Structure model' 1 3 2018-05-30 ? 
5 'Structure model' 1 4 2019-05-22 ? 
6 'Structure model' 1 5 2025-04-09 ? 
# 
_pdbx_audit_revision_details.ordinal             1 
_pdbx_audit_revision_details.revision_ordinal    1 
_pdbx_audit_revision_details.data_content_type   'Structure model' 
_pdbx_audit_revision_details.provider            repository 
_pdbx_audit_revision_details.type                'Initial release' 
_pdbx_audit_revision_details.description         ? 
_pdbx_audit_revision_details.details             ? 
# 
loop_
_pdbx_audit_revision_group.ordinal 
_pdbx_audit_revision_group.revision_ordinal 
_pdbx_audit_revision_group.data_content_type 
_pdbx_audit_revision_group.group 
1  2 'Structure model' 'Atomic model'              
2  2 'Structure model' 'Database references'       
3  2 'Structure model' 'Derived calculations'      
4  2 'Structure model' 'Structure summary'         
5  2 'Structure model' 'Version format compliance' 
6  3 'Structure model' Other                       
7  4 'Structure model' 'Data collection'           
8  5 'Structure model' 'Data collection'           
9  5 'Structure model' 'Derived calculations'      
10 5 'Structure model' 'Refinement description'    
11 5 'Structure model' 'Structure summary'         
12 6 'Structure model' 'Data collection'           
13 6 'Structure model' 'Database references'       
14 6 'Structure model' 'Derived calculations'      
15 6 'Structure model' Other                       
16 6 'Structure model' 'Structure summary'         
# 
loop_
_pdbx_audit_revision_category.ordinal 
_pdbx_audit_revision_category.revision_ordinal 
_pdbx_audit_revision_category.data_content_type 
_pdbx_audit_revision_category.category 
1  4 'Structure model' diffrn_detector           
2  5 'Structure model' chem_comp                 
3  5 'Structure model' refine                    
4  5 'Structure model' struct_conn               
5  6 'Structure model' chem_comp_atom            
6  6 'Structure model' chem_comp_bond            
7  6 'Structure model' database_2                
8  6 'Structure model' pdbx_database_status      
9  6 'Structure model' pdbx_entry_details        
10 6 'Structure model' pdbx_modification_feature 
11 6 'Structure model' struct_site               
# 
loop_
_pdbx_audit_revision_item.ordinal 
_pdbx_audit_revision_item.revision_ordinal 
_pdbx_audit_revision_item.data_content_type 
_pdbx_audit_revision_item.item 
1  4 'Structure model' '_diffrn_detector.type'                        
2  5 'Structure model' '_chem_comp.pdbx_synonyms'                     
3  5 'Structure model' '_refine.pdbx_ls_cross_valid_method'           
4  5 'Structure model' '_struct_conn.pdbx_leaving_atom_flag'          
5  6 'Structure model' '_database_2.pdbx_DOI'                         
6  6 'Structure model' '_database_2.pdbx_database_accession'          
7  6 'Structure model' '_pdbx_database_status.status_code_sf'         
8  6 'Structure model' '_pdbx_entry_details.has_protein_modification' 
9  6 'Structure model' '_struct_site.pdbx_auth_asym_id'               
10 6 'Structure model' '_struct_site.pdbx_auth_comp_id'               
11 6 'Structure model' '_struct_site.pdbx_auth_seq_id'                
# 
_pdbx_database_status.status_code                     REL 
_pdbx_database_status.entry_id                        1OB6 
_pdbx_database_status.deposit_site                    PDBE 
_pdbx_database_status.process_site                    PDBE 
_pdbx_database_status.SG_entry                        . 
_pdbx_database_status.recvd_initial_deposition_date   2003-01-24 
_pdbx_database_status.pdb_format_compatible           Y 
_pdbx_database_status.status_code_sf                  REL 
_pdbx_database_status.status_code_mr                  ? 
_pdbx_database_status.status_code_cs                  ? 
_pdbx_database_status.methods_development_category    ? 
_pdbx_database_status.status_code_nmr_data            ? 
# 
loop_
_pdbx_database_related.db_name 
_pdbx_database_related.db_id 
_pdbx_database_related.content_type 
_pdbx_database_related.details 
PDB 1M24 unspecified 'CRYSTAL STRUCTURE OF THE PEPTAIBOL TRICHOTOXIN_A50E'                       
PDB 1R9U unspecified 'SOLUTION STRUCTURE OF THE PEPTAIBOL ZERVAMICIN IIB IN METHANOL'            
PDB 1DLZ unspecified 'SOLUTION STRUCTURE OF THE PEPTIABOL ZERVAMICIN IIB'                        
PDB 1IH9 unspecified 'SOLUTION STRUCTURE OF THE PEPTAIBOL ZERVAMICIN IIB BOUND TO DPC MICELLES'  
PDB 1GQ0 unspecified 'SOLUTION STRUCTURE OF THE PEPTAIBOL ANTIAMOEBIN I'                         
PDB 1JOH unspecified 'CRYSTAL STRUCTURE OF THE PEPTAIBOL ANTIAMOEBIN I'                          
PDB 1AMT unspecified 'CRYSTAL STRUCTURE OF THE PEPTAIBOL ALAMETHICIN'                            
PDB 1EE7 unspecified 'SOLUTION STRUCTURE OF THE PEPTAIBOL CHRYSOSPERMIN C BOUND TO DPC MICELLES' 
PDB 1OB7 unspecified 'CRYSTAL STRUCTURE OF THE PEPTAIBOL CEPHAIBOL C'                            
PDB 1OB4 unspecified 'CRYSTAL STRUCTURE OF THE PEPTAIBOL CEPHAIBOL A'                            
# 
loop_
_audit_author.name 
_audit_author.pdbx_ordinal 
_audit_author.identifier_ORCID 
'Bunkoczi, G.'    1 ? 
'Schiell, M.'     2 ? 
'Vertesy, L.'     3 ? 
'Sheldrick, G.M.' 4 ? 
# 
_citation.id                        primary 
_citation.title                     'Crystal Structures of Cephaibols' 
_citation.journal_abbrev            J.Pept.Sci. 
_citation.journal_volume            9 
_citation.page_first                745 
_citation.page_last                 ? 
_citation.year                      2003 
_citation.journal_id_ASTM           JPSIEI 
_citation.country                   UK 
_citation.journal_id_ISSN           1075-2617 
_citation.journal_id_CSD            1225 
_citation.book_publisher            ? 
_citation.pdbx_database_id_PubMed   14658793 
_citation.pdbx_database_id_DOI      10.1002/PSC.496 
# 
loop_
_citation_author.citation_id 
_citation_author.name 
_citation_author.ordinal 
_citation_author.identifier_ORCID 
primary 'Bunkoczi, G.'    1 ? 
primary 'Schiell, M.'     2 ? 
primary 'Vertesy, L.'     3 ? 
primary 'Sheldrick, G.M.' 4 ? 
# 
loop_
_entity.id 
_entity.type 
_entity.src_method 
_entity.pdbx_description 
_entity.formula_weight 
_entity.pdbx_number_of_molecules 
_entity.pdbx_ec 
_entity.pdbx_mutation 
_entity.pdbx_fragment 
_entity.details 
1 polymer     nat 'CEPHAIBOL B' 1669.017 2  ? ? ? ? 
2 non-polymer syn ETHANOL       46.068   2  ? ? ? ? 
3 non-polymer syn 'ACETATE ION' 59.044   1  ? ? ? ? 
4 water       nat water         18.015   26 ? ? ? ? 
# 
_entity_poly.entity_id                      1 
_entity_poly.type                           'polypeptide(L)' 
_entity_poly.nstd_linkage                   no 
_entity_poly.nstd_monomer                   yes 
_entity_poly.pdbx_seq_one_letter_code       '(ACE)F(AIB)(AIB)(AIB)(DIV)GL(DIV)(AIB)(HYP)Q(DIV)(HYP)(AIB)P(PHL)' 
_entity_poly.pdbx_seq_one_letter_code_can   XFAAAVGLVAPQVPAPF 
_entity_poly.pdbx_strand_id                 A,B 
_entity_poly.pdbx_target_identifier         ? 
# 
loop_
_pdbx_entity_nonpoly.entity_id 
_pdbx_entity_nonpoly.name 
_pdbx_entity_nonpoly.comp_id 
2 ETHANOL       EOH 
3 'ACETATE ION' ACT 
4 water         HOH 
# 
loop_
_entity_poly_seq.entity_id 
_entity_poly_seq.num 
_entity_poly_seq.mon_id 
_entity_poly_seq.hetero 
1 1  ACE n 
1 2  PHE n 
1 3  AIB n 
1 4  AIB n 
1 5  AIB n 
1 6  DIV n 
1 7  GLY n 
1 8  LEU n 
1 9  DIV n 
1 10 AIB n 
1 11 HYP n 
1 12 GLN n 
1 13 DIV n 
1 14 HYP n 
1 15 AIB n 
1 16 PRO n 
1 17 PHL n 
# 
_entity_src_nat.entity_id                  1 
_entity_src_nat.pdbx_src_id                1 
_entity_src_nat.pdbx_alt_source_flag       sample 
_entity_src_nat.pdbx_beg_seq_num           ? 
_entity_src_nat.pdbx_end_seq_num           ? 
_entity_src_nat.common_name                ? 
_entity_src_nat.pdbx_organism_scientific   'ACREMONIUM TUBAKII' 
_entity_src_nat.pdbx_ncbi_taxonomy_id      146077 
_entity_src_nat.genus                      ? 
_entity_src_nat.species                    ? 
_entity_src_nat.strain                     ? 
_entity_src_nat.tissue                     ? 
_entity_src_nat.tissue_fraction            ? 
_entity_src_nat.pdbx_secretion             ? 
_entity_src_nat.pdbx_fragment              ? 
_entity_src_nat.pdbx_variant               ? 
_entity_src_nat.pdbx_cell_line             ? 
_entity_src_nat.pdbx_atcc                  ? 
_entity_src_nat.pdbx_cellular_location     ? 
_entity_src_nat.pdbx_organ                 ? 
_entity_src_nat.pdbx_organelle             ? 
_entity_src_nat.pdbx_cell                  ? 
_entity_src_nat.pdbx_plasmid_name          ? 
_entity_src_nat.pdbx_plasmid_details       ? 
_entity_src_nat.details                    ? 
# 
loop_
_chem_comp.id 
_chem_comp.type 
_chem_comp.mon_nstd_flag 
_chem_comp.name 
_chem_comp.pdbx_synonyms 
_chem_comp.formula 
_chem_comp.formula_weight 
ACE non-polymer         . 'ACETYL GROUP'               ?                              'C2 H4 O'      44.053  
ACT non-polymer         . 'ACETATE ION'                ?                              'C2 H3 O2 -1'  59.044  
AIB 'L-peptide linking' n 'ALPHA-AMINOISOBUTYRIC ACID' ?                              'C4 H9 N O2'   103.120 
DIV 'D-peptide linking' . D-ISOVALINE                  ?                              'C5 H11 N O2'  117.146 
EOH non-polymer         . ETHANOL                      ?                              'C2 H6 O'      46.068  
GLN 'L-peptide linking' y GLUTAMINE                    ?                              'C5 H10 N2 O3' 146.144 
GLY 'peptide linking'   y GLYCINE                      ?                              'C2 H5 N O2'   75.067  
HOH non-polymer         . WATER                        ?                              'H2 O'         18.015  
HYP 'L-peptide linking' n 4-HYDROXYPROLINE             HYDROXYPROLINE                 'C5 H9 N O3'   131.130 
LEU 'L-peptide linking' y LEUCINE                      ?                              'C6 H13 N O2'  131.173 
PHE 'L-peptide linking' y PHENYLALANINE                ?                              'C9 H11 N O2'  165.189 
PHL 'L-peptide linking' n L-PHENYLALANINOL             'bound form of Phenylalaninal' 'C9 H13 N O'   151.206 
PRO 'L-peptide linking' y PROLINE                      ?                              'C5 H9 N O2'   115.130 
# 
loop_
_pdbx_poly_seq_scheme.asym_id 
_pdbx_poly_seq_scheme.entity_id 
_pdbx_poly_seq_scheme.seq_id 
_pdbx_poly_seq_scheme.mon_id 
_pdbx_poly_seq_scheme.ndb_seq_num 
_pdbx_poly_seq_scheme.pdb_seq_num 
_pdbx_poly_seq_scheme.auth_seq_num 
_pdbx_poly_seq_scheme.pdb_mon_id 
_pdbx_poly_seq_scheme.auth_mon_id 
_pdbx_poly_seq_scheme.pdb_strand_id 
_pdbx_poly_seq_scheme.pdb_ins_code 
_pdbx_poly_seq_scheme.hetero 
A 1 1  ACE 1  0  0  ACE ACE A . n 
A 1 2  PHE 2  1  1  PHE PHE A . n 
A 1 3  AIB 3  2  2  AIB AIB A . n 
A 1 4  AIB 4  3  3  AIB AIB A . n 
A 1 5  AIB 5  4  4  AIB AIB A . n 
A 1 6  DIV 6  5  5  DIV DIV A . n 
A 1 7  GLY 7  6  6  GLY GLY A . n 
A 1 8  LEU 8  7  7  LEU LEU A . n 
A 1 9  DIV 9  8  8  DIV DIV A . n 
A 1 10 AIB 10 9  9  AIB AIB A . n 
A 1 11 HYP 11 10 10 HYP HYP A . n 
A 1 12 GLN 12 11 11 GLN GLN A . n 
A 1 13 DIV 13 12 12 DIV DIV A . n 
A 1 14 HYP 14 13 13 HYP HYP A . n 
A 1 15 AIB 15 14 14 AIB AIB A . n 
A 1 16 PRO 16 15 15 PRO PRO A . n 
A 1 17 PHL 17 16 16 PHL PHL A . n 
B 1 1  ACE 1  0  0  ACE ACE B . n 
B 1 2  PHE 2  1  1  PHE PHE B . n 
B 1 3  AIB 3  2  2  AIB AIB B . n 
B 1 4  AIB 4  3  3  AIB AIB B . n 
B 1 5  AIB 5  4  4  AIB AIB B . n 
B 1 6  DIV 6  5  5  DIV DIV B . n 
B 1 7  GLY 7  6  6  GLY GLY B . n 
B 1 8  LEU 8  7  7  LEU LEU B . n 
B 1 9  DIV 9  8  8  DIV DIV B . n 
B 1 10 AIB 10 9  9  AIB AIB B . n 
B 1 11 HYP 11 10 10 HYP HYP B . n 
B 1 12 GLN 12 11 11 GLN GLN B . n 
B 1 13 DIV 13 12 12 DIV DIV B . n 
B 1 14 HYP 14 13 13 HYP HYP B . n 
B 1 15 AIB 15 14 14 AIB AIB B . n 
B 1 16 PRO 16 15 15 PRO PRO B . n 
B 1 17 PHL 17 16 16 PHL PHL B . n 
# 
loop_
_pdbx_nonpoly_scheme.asym_id 
_pdbx_nonpoly_scheme.entity_id 
_pdbx_nonpoly_scheme.mon_id 
_pdbx_nonpoly_scheme.ndb_seq_num 
_pdbx_nonpoly_scheme.pdb_seq_num 
_pdbx_nonpoly_scheme.auth_seq_num 
_pdbx_nonpoly_scheme.pdb_mon_id 
_pdbx_nonpoly_scheme.auth_mon_id 
_pdbx_nonpoly_scheme.pdb_strand_id 
_pdbx_nonpoly_scheme.pdb_ins_code 
C 2 EOH 1  29   29   EOH EOH A . 
D 3 ACT 1  29   29   ACT ACT B . 
E 2 EOH 1  30   30   EOH EOH B . 
F 4 HOH 1  2001 2001 HOH HOH A . 
F 4 HOH 2  2002 2002 HOH HOH A . 
F 4 HOH 3  2003 2003 HOH HOH A . 
F 4 HOH 4  2004 2004 HOH HOH A . 
F 4 HOH 5  2005 2005 HOH HOH A . 
F 4 HOH 6  2006 2006 HOH HOH A . 
F 4 HOH 7  2007 2007 HOH HOH A . 
F 4 HOH 8  2008 2008 HOH HOH A . 
F 4 HOH 9  2009 2009 HOH HOH A . 
F 4 HOH 10 2010 2010 HOH HOH A . 
F 4 HOH 11 2011 2011 HOH HOH A . 
F 4 HOH 12 2012 2012 HOH HOH A . 
F 4 HOH 13 2013 2013 HOH HOH A . 
F 4 HOH 14 2014 2014 HOH HOH A . 
G 4 HOH 1  2001 2001 HOH HOH B . 
G 4 HOH 2  2002 2002 HOH HOH B . 
G 4 HOH 3  2003 2003 HOH HOH B . 
G 4 HOH 4  2004 2004 HOH HOH B . 
G 4 HOH 5  2005 2005 HOH HOH B . 
G 4 HOH 6  2006 2006 HOH HOH B . 
G 4 HOH 7  2007 2007 HOH HOH B . 
G 4 HOH 8  2008 2008 HOH HOH B . 
G 4 HOH 9  2009 2009 HOH HOH B . 
G 4 HOH 10 2010 2010 HOH HOH B . 
G 4 HOH 11 2011 2011 HOH HOH B . 
G 4 HOH 12 2012 2012 HOH HOH B . 
# 
loop_
_software.name 
_software.classification 
_software.version 
_software.citation_id 
_software.pdbx_ordinal 
_software.date 
_software.type 
_software.location 
_software.language 
SHELXL-97 refinement       . ? 1 ? ? ? ? 
SAINT     'data reduction' . ? 2 ? ? ? ? 
SADABS    'data scaling'   . ? 3 ? ? ? ? 
SHELXD    phasing          . ? 4 ? ? ? ? 
# 
_cell.entry_id           1OB6 
_cell.length_a           32.146 
_cell.length_b           9.126 
_cell.length_c           37.982 
_cell.angle_alpha        90.00 
_cell.angle_beta         111.36 
_cell.angle_gamma        90.00 
_cell.Z_PDB              4 
_cell.pdbx_unique_axis   ? 
# 
_symmetry.entry_id                         1OB6 
_symmetry.space_group_name_H-M             'P 1 21 1' 
_symmetry.pdbx_full_space_group_name_H-M   ? 
_symmetry.cell_setting                     ? 
_symmetry.Int_Tables_number                4 
# 
_exptl.entry_id          1OB6 
_exptl.method            'X-RAY DIFFRACTION' 
_exptl.crystals_number   1 
# 
_exptl_crystal.id                    1 
_exptl_crystal.density_meas          ? 
_exptl_crystal.density_Matthews      1.54 
_exptl_crystal.density_percent_sol   20 
_exptl_crystal.description           ? 
# 
_exptl_crystal_grow.crystal_id      1 
_exptl_crystal_grow.method          ? 
_exptl_crystal_grow.temp            ? 
_exptl_crystal_grow.temp_details    ? 
_exptl_crystal_grow.pH              4.60 
_exptl_crystal_grow.pdbx_pH_range   ? 
_exptl_crystal_grow.pdbx_details    '0.1 M NAAC/HAC PH=4.6, 32% ETOH, pH 4.60' 
# 
_diffrn.id                     1 
_diffrn.ambient_temp           100.0 
_diffrn.ambient_temp_details   ? 
_diffrn.crystal_id             1 
# 
_diffrn_detector.diffrn_id              1 
_diffrn_detector.detector               CCD 
_diffrn_detector.type                   'BRUKER SMART 6000' 
_diffrn_detector.pdbx_collection_date   2002-05-15 
_diffrn_detector.details                MIRRORS 
# 
_diffrn_radiation.diffrn_id                        1 
_diffrn_radiation.wavelength_id                    1 
_diffrn_radiation.pdbx_monochromatic_or_laue_m_l   M 
_diffrn_radiation.monochromator                    ? 
_diffrn_radiation.pdbx_diffrn_protocol             'SINGLE WAVELENGTH' 
_diffrn_radiation.pdbx_scattering_type             x-ray 
# 
_diffrn_radiation_wavelength.id           1 
_diffrn_radiation_wavelength.wavelength   1.5418 
_diffrn_radiation_wavelength.wt           1.0 
# 
_diffrn_source.diffrn_id                   1 
_diffrn_source.source                      'ROTATING ANODE' 
_diffrn_source.type                        'BRUKER M06XCE' 
_diffrn_source.pdbx_synchrotron_site       ? 
_diffrn_source.pdbx_synchrotron_beamline   ? 
_diffrn_source.pdbx_wavelength             1.5418 
_diffrn_source.pdbx_wavelength_list        ? 
# 
_reflns.pdbx_diffrn_id               1 
_reflns.pdbx_ordinal                 1 
_reflns.entry_id                     1OB6 
_reflns.observed_criterion_sigma_I   ? 
_reflns.observed_criterion_sigma_F   ? 
_reflns.d_resolution_low             35.400 
_reflns.d_resolution_high            0.890 
_reflns.number_obs                   16045 
_reflns.number_all                   ? 
_reflns.percent_possible_obs         97.0 
_reflns.pdbx_Rmerge_I_obs            0.04370 
_reflns.pdbx_Rsym_value              ? 
_reflns.pdbx_netI_over_sigmaI        23.2900 
_reflns.B_iso_Wilson_estimate        ? 
_reflns.pdbx_redundancy              4.440 
_reflns.pdbx_CC_half                 ? 
_reflns.pdbx_Rpim_I_all              ? 
_reflns.pdbx_Rrim_I_all              ? 
# 
_reflns_shell.pdbx_diffrn_id         1 
_reflns_shell.pdbx_ordinal           1 
_reflns_shell.d_res_high             0.89 
_reflns_shell.d_res_low              1.00 
_reflns_shell.percent_possible_all   90.0 
_reflns_shell.Rmerge_I_obs           0.07860 
_reflns_shell.pdbx_Rsym_value        ? 
_reflns_shell.meanI_over_sigI_obs    10.370 
_reflns_shell.pdbx_redundancy        2.16 
_reflns_shell.number_measured_obs    ? 
_reflns_shell.number_unique_all      ? 
_reflns_shell.number_unique_obs      ? 
_reflns_shell.pdbx_CC_half           ? 
_reflns_shell.pdbx_Rpim_I_all        ? 
_reflns_shell.pdbx_Rrim_I_all        ? 
# 
_refine.pdbx_refine_id                           'X-RAY DIFFRACTION' 
_refine.entry_id                                 1OB6 
_refine.pdbx_diffrn_id                           1 
_refine.pdbx_TLS_residual_ADP_flag               ? 
_refine.ls_number_reflns_obs                     ? 
_refine.ls_number_reflns_all                     16045 
_refine.pdbx_ls_sigma_I                          ? 
_refine.pdbx_ls_sigma_F                          0.0 
_refine.pdbx_data_cutoff_high_absF               ? 
_refine.pdbx_data_cutoff_low_absF                ? 
_refine.pdbx_data_cutoff_high_rms_absF           ? 
_refine.ls_d_res_low                             35.4 
_refine.ls_d_res_high                            0.89 
_refine.ls_percent_reflns_obs                    97.0 
_refine.ls_R_factor_obs                          0.0744 
_refine.ls_R_factor_all                          0.0746 
_refine.ls_R_factor_R_work                       ? 
_refine.ls_R_factor_R_free                       0.0793 
_refine.ls_R_factor_R_free_error                 ? 
_refine.ls_R_factor_R_free_error_details         ? 
_refine.ls_percent_reflns_R_free                 5 
_refine.ls_number_reflns_R_free                  778 
_refine.ls_number_parameters                     3121 
_refine.ls_number_restraints                     4640 
_refine.occupancy_min                            ? 
_refine.occupancy_max                            ? 
_refine.correlation_coeff_Fo_to_Fc               ? 
_refine.correlation_coeff_Fo_to_Fc_free          ? 
_refine.B_iso_mean                               ? 
_refine.aniso_B[1][1]                            ? 
_refine.aniso_B[2][2]                            ? 
_refine.aniso_B[3][3]                            ? 
_refine.aniso_B[1][2]                            ? 
_refine.aniso_B[1][3]                            ? 
_refine.aniso_B[2][3]                            ? 
_refine.solvent_model_details                    'MOEWS & KRETSINGER' 
_refine.solvent_model_param_ksol                 ? 
_refine.solvent_model_param_bsol                 ? 
_refine.pdbx_solvent_vdw_probe_radii             ? 
_refine.pdbx_solvent_ion_probe_radii             ? 
_refine.pdbx_solvent_shrinkage_radii             ? 
_refine.pdbx_ls_cross_valid_method               'FREE R-VALUE' 
_refine.details                                  ? 
_refine.pdbx_starting_model                      ? 
_refine.pdbx_method_to_determine_struct          'DIRECT METHODS' 
_refine.pdbx_isotropic_thermal_model             ? 
_refine.pdbx_stereochemistry_target_values       'ENGH AND HUBER' 
_refine.pdbx_stereochem_target_val_spec_case     'RESTRAINTS FOR AIB, DIV, HYP AND PHL FROM ANTIAMOEBIN (PDB 1JOH)' 
_refine.pdbx_R_Free_selection_details            'THIN SHELLS' 
_refine.pdbx_overall_ESU_R                       ? 
_refine.pdbx_overall_ESU_R_Free                  ? 
_refine.overall_SU_ML                            ? 
_refine.pdbx_overall_phase_error                 ? 
_refine.overall_SU_B                             ? 
_refine.overall_SU_R_Cruickshank_DPI             ? 
_refine.pdbx_overall_SU_R_free_Cruickshank_DPI   ? 
_refine.pdbx_overall_SU_R_Blow_DPI               ? 
_refine.pdbx_overall_SU_R_free_Blow_DPI          ? 
# 
_refine_analyze.pdbx_refine_id                  'X-RAY DIFFRACTION' 
_refine_analyze.entry_id                        1OB6 
_refine_analyze.Luzzati_coordinate_error_obs    ? 
_refine_analyze.Luzzati_sigma_a_obs             ? 
_refine_analyze.Luzzati_d_res_low_obs           ? 
_refine_analyze.Luzzati_coordinate_error_free   ? 
_refine_analyze.Luzzati_sigma_a_free            ? 
_refine_analyze.Luzzati_d_res_low_free          ? 
_refine_analyze.number_disordered_residues      10 
_refine_analyze.occupancy_sum_hydrogen          252 
_refine_analyze.occupancy_sum_non_hydrogen      267.5 
# 
_refine_hist.pdbx_refine_id                   'X-RAY DIFFRACTION' 
_refine_hist.cycle_id                         LAST 
_refine_hist.pdbx_number_atoms_protein        240 
_refine_hist.pdbx_number_atoms_nucleic_acid   0 
_refine_hist.pdbx_number_atoms_ligand         10 
_refine_hist.number_atoms_solvent             26 
_refine_hist.number_atoms_total               276 
_refine_hist.d_res_high                       0.89 
_refine_hist.d_res_low                        35.4 
# 
loop_
_refine_ls_restr.type 
_refine_ls_restr.dev_ideal 
_refine_ls_restr.dev_ideal_target 
_refine_ls_restr.weight 
_refine_ls_restr.number 
_refine_ls_restr.pdbx_refine_id 
_refine_ls_restr.pdbx_restraint_function 
s_bond_d               0.021 ? ? ? 'X-RAY DIFFRACTION' ? 
s_angle_d              0.040 ? ? ? 'X-RAY DIFFRACTION' ? 
s_similar_dist         0.012 ? ? ? 'X-RAY DIFFRACTION' ? 
s_from_restr_planes    0.505 ? ? ? 'X-RAY DIFFRACTION' ? 
s_zero_chiral_vol      0.131 ? ? ? 'X-RAY DIFFRACTION' ? 
s_non_zero_chiral_vol  0.093 ? ? ? 'X-RAY DIFFRACTION' ? 
s_anti_bump_dis_restr  0.050 ? ? ? 'X-RAY DIFFRACTION' ? 
s_rigid_bond_adp_cmpnt 0.006 ? ? ? 'X-RAY DIFFRACTION' ? 
s_similar_adp_cmpnt    0.040 ? ? ? 'X-RAY DIFFRACTION' ? 
s_approx_iso_adps      ?     ? ? ? 'X-RAY DIFFRACTION' ? 
# 
_pdbx_refine.pdbx_refine_id                              'X-RAY DIFFRACTION' 
_pdbx_refine.entry_id                                    1OB6 
_pdbx_refine.R_factor_all_no_cutoff                      0.0746 
_pdbx_refine.R_factor_obs_no_cutoff                      0.0744 
_pdbx_refine.free_R_factor_no_cutoff                     0.0793 
_pdbx_refine.free_R_error_no_cutoff                      ? 
_pdbx_refine.free_R_val_test_set_size_perc_no_cutoff     5 
_pdbx_refine.free_R_val_test_set_ct_no_cutoff            778 
_pdbx_refine.R_factor_all_4sig_cutoff                    0.0709 
_pdbx_refine.R_factor_obs_4sig_cutoff                    0.0706 
_pdbx_refine.free_R_factor_4sig_cutoff                   0.0756 
_pdbx_refine.free_R_val_test_set_size_perc_4sig_cutoff   5 
_pdbx_refine.free_R_val_test_set_ct_4sig_cutoff          738 
_pdbx_refine.number_reflns_obs_4sig_cutoff               14248 
# 
_struct_ncs_oper.id             1 
_struct_ncs_oper.code           given 
_struct_ncs_oper.details        ? 
_struct_ncs_oper.matrix[1][1]   0.99672691 
_struct_ncs_oper.matrix[1][2]   -0.01585224 
_struct_ncs_oper.matrix[1][3]   -0.07920477 
_struct_ncs_oper.matrix[2][1]   0.02117252 
_struct_ncs_oper.matrix[2][2]   0.99753892 
_struct_ncs_oper.matrix[2][3]   0.06679690 
_struct_ncs_oper.matrix[3][1]   0.07794984 
_struct_ncs_oper.matrix[3][2]   -0.06825137 
_struct_ncs_oper.matrix[3][3]   0.99461417 
_struct_ncs_oper.vector[1]      -19.71571 
_struct_ncs_oper.vector[2]      9.09592 
_struct_ncs_oper.vector[3]      20.39365 
# 
_struct.entry_id                  1OB6 
_struct.title                     'Cephaibol B' 
_struct.pdbx_model_details        ? 
_struct.pdbx_CASP_flag            ? 
_struct.pdbx_model_type_details   ? 
# 
_struct_keywords.entry_id        1OB6 
_struct_keywords.pdbx_keywords   ANTIBIOTIC 
_struct_keywords.text            'CEPHAIBOL, PEPTAIBOL, ANTIBACTERIAL, ANTIFUNGAL, ION CHANNEL, ANTIBIOTIC' 
# 
loop_
_struct_asym.id 
_struct_asym.pdbx_blank_PDB_chainid_flag 
_struct_asym.pdbx_modified 
_struct_asym.entity_id 
_struct_asym.details 
A N N 1 ? 
B N N 1 ? 
C N N 2 ? 
D N N 3 ? 
E N N 2 ? 
F N N 4 ? 
G N N 4 ? 
# 
_struct_ref.id                         1 
_struct_ref.db_name                    NOR 
_struct_ref.db_code                    NOR00971 
_struct_ref.entity_id                  1 
_struct_ref.pdbx_seq_one_letter_code   ? 
_struct_ref.pdbx_align_begin           ? 
_struct_ref.pdbx_db_accession          NOR00971 
_struct_ref.pdbx_db_isoform            ? 
# 
loop_
_struct_ref_seq.align_id 
_struct_ref_seq.ref_id 
_struct_ref_seq.pdbx_PDB_id_code 
_struct_ref_seq.pdbx_strand_id 
_struct_ref_seq.seq_align_beg 
_struct_ref_seq.pdbx_seq_align_beg_ins_code 
_struct_ref_seq.seq_align_end 
_struct_ref_seq.pdbx_seq_align_end_ins_code 
_struct_ref_seq.pdbx_db_accession 
_struct_ref_seq.db_align_beg 
_struct_ref_seq.pdbx_db_align_beg_ins_code 
_struct_ref_seq.db_align_end 
_struct_ref_seq.pdbx_db_align_end_ins_code 
_struct_ref_seq.pdbx_auth_seq_align_beg 
_struct_ref_seq.pdbx_auth_seq_align_end 
1 1 1OB6 A 1 ? 17 ? NOR00971 0 ? 16 ? 0 16 
2 1 1OB6 B 1 ? 17 ? NOR00971 0 ? 16 ? 0 16 
# 
loop_
_pdbx_struct_assembly.id 
_pdbx_struct_assembly.details 
_pdbx_struct_assembly.method_details 
_pdbx_struct_assembly.oligomeric_details 
_pdbx_struct_assembly.oligomeric_count 
1 author_and_software_defined_assembly PQS monomeric 1 
2 author_and_software_defined_assembly PQS monomeric 1 
# 
loop_
_pdbx_struct_assembly_gen.assembly_id 
_pdbx_struct_assembly_gen.oper_expression 
_pdbx_struct_assembly_gen.asym_id_list 
1 1 A,C,F   
2 1 B,D,E,G 
# 
_pdbx_struct_oper_list.id                   1 
_pdbx_struct_oper_list.type                 'identity operation' 
_pdbx_struct_oper_list.name                 1_555 
_pdbx_struct_oper_list.symmetry_operation   x,y,z 
_pdbx_struct_oper_list.matrix[1][1]         1.0000000000 
_pdbx_struct_oper_list.matrix[1][2]         0.0000000000 
_pdbx_struct_oper_list.matrix[1][3]         0.0000000000 
_pdbx_struct_oper_list.vector[1]            0.0000000000 
_pdbx_struct_oper_list.matrix[2][1]         0.0000000000 
_pdbx_struct_oper_list.matrix[2][2]         1.0000000000 
_pdbx_struct_oper_list.matrix[2][3]         0.0000000000 
_pdbx_struct_oper_list.vector[2]            0.0000000000 
_pdbx_struct_oper_list.matrix[3][1]         0.0000000000 
_pdbx_struct_oper_list.matrix[3][2]         0.0000000000 
_pdbx_struct_oper_list.matrix[3][3]         1.0000000000 
_pdbx_struct_oper_list.vector[3]            0.0000000000 
# 
loop_
_struct_conf.conf_type_id 
_struct_conf.id 
_struct_conf.pdbx_PDB_helix_id 
_struct_conf.beg_label_comp_id 
_struct_conf.beg_label_asym_id 
_struct_conf.beg_label_seq_id 
_struct_conf.pdbx_beg_PDB_ins_code 
_struct_conf.end_label_comp_id 
_struct_conf.end_label_asym_id 
_struct_conf.end_label_seq_id 
_struct_conf.pdbx_end_PDB_ins_code 
_struct_conf.beg_auth_comp_id 
_struct_conf.beg_auth_asym_id 
_struct_conf.beg_auth_seq_id 
_struct_conf.end_auth_comp_id 
_struct_conf.end_auth_asym_id 
_struct_conf.end_auth_seq_id 
_struct_conf.pdbx_PDB_helix_class 
_struct_conf.details 
_struct_conf.pdbx_PDB_helix_length 
HELX_P HELX_P1 1 PHE A 2  ? HYP A 11 ? PHE A 1  HYP A 10 1 ? 10 
HELX_P HELX_P2 2 PHE B 2  ? AIB B 10 ? PHE B 1  AIB B 9  1 ? 9  
HELX_P HELX_P3 3 HYP B 11 ? DIV B 13 ? HYP B 10 DIV B 12 5 ? 3  
# 
_struct_conf_type.id          HELX_P 
_struct_conf_type.criteria    ? 
_struct_conf_type.reference   ? 
# 
loop_
_struct_conn.id 
_struct_conn.conn_type_id 
_struct_conn.pdbx_leaving_atom_flag 
_struct_conn.pdbx_PDB_id 
_struct_conn.ptnr1_label_asym_id 
_struct_conn.ptnr1_label_comp_id 
_struct_conn.ptnr1_label_seq_id 
_struct_conn.ptnr1_label_atom_id 
_struct_conn.pdbx_ptnr1_label_alt_id 
_struct_conn.pdbx_ptnr1_PDB_ins_code 
_struct_conn.pdbx_ptnr1_standard_comp_id 
_struct_conn.ptnr1_symmetry 
_struct_conn.ptnr2_label_asym_id 
_struct_conn.ptnr2_label_comp_id 
_struct_conn.ptnr2_label_seq_id 
_struct_conn.ptnr2_label_atom_id 
_struct_conn.pdbx_ptnr2_label_alt_id 
_struct_conn.pdbx_ptnr2_PDB_ins_code 
_struct_conn.ptnr1_auth_asym_id 
_struct_conn.ptnr1_auth_comp_id 
_struct_conn.ptnr1_auth_seq_id 
_struct_conn.ptnr2_auth_asym_id 
_struct_conn.ptnr2_auth_comp_id 
_struct_conn.ptnr2_auth_seq_id 
_struct_conn.ptnr2_symmetry 
_struct_conn.pdbx_ptnr3_label_atom_id 
_struct_conn.pdbx_ptnr3_label_seq_id 
_struct_conn.pdbx_ptnr3_label_comp_id 
_struct_conn.pdbx_ptnr3_label_asym_id 
_struct_conn.pdbx_ptnr3_label_alt_id 
_struct_conn.pdbx_ptnr3_PDB_ins_code 
_struct_conn.details 
_struct_conn.pdbx_dist_value 
_struct_conn.pdbx_value_order 
_struct_conn.pdbx_role 
covale1  covale both ? A ACE 1  C ? ? ? 1_555 A PHE 2  N ? ? A ACE 0  A PHE 1  1_555 ? ? ? ? ? ? ? 1.334 ? ? 
covale2  covale both ? A PHE 2  C ? ? ? 1_555 A AIB 3  N ? ? A PHE 1  A AIB 2  1_555 ? ? ? ? ? ? ? 1.348 ? ? 
covale3  covale both ? A AIB 3  C ? ? ? 1_555 A AIB 4  N ? ? A AIB 2  A AIB 3  1_555 ? ? ? ? ? ? ? 1.336 ? ? 
covale4  covale both ? A AIB 4  C ? ? ? 1_555 A AIB 5  N ? ? A AIB 3  A AIB 4  1_555 ? ? ? ? ? ? ? 1.342 ? ? 
covale5  covale both ? A AIB 5  C ? ? ? 1_555 A DIV 6  N ? ? A AIB 4  A DIV 5  1_555 ? ? ? ? ? ? ? 1.332 ? ? 
covale6  covale both ? A DIV 6  C ? ? ? 1_555 A GLY 7  N ? ? A DIV 5  A GLY 6  1_555 ? ? ? ? ? ? ? 1.336 ? ? 
covale7  covale both ? A LEU 8  C ? ? ? 1_555 A DIV 9  N ? ? A LEU 7  A DIV 8  1_555 ? ? ? ? ? ? ? 1.337 ? ? 
covale8  covale both ? A DIV 9  C ? ? ? 1_555 A AIB 10 N ? ? A DIV 8  A AIB 9  1_555 ? ? ? ? ? ? ? 1.336 ? ? 
covale9  covale both ? A AIB 10 C ? ? ? 1_555 A HYP 11 N ? ? A AIB 9  A HYP 10 1_555 ? ? ? ? ? ? ? 1.349 ? ? 
covale10 covale both ? A HYP 11 C ? ? ? 1_555 A GLN 12 N ? ? A HYP 10 A GLN 11 1_555 ? ? ? ? ? ? ? 1.335 ? ? 
covale11 covale both ? A GLN 12 C ? ? ? 1_555 A DIV 13 N A ? A GLN 11 A DIV 12 1_555 ? ? ? ? ? ? ? 1.328 ? ? 
covale12 covale both ? A GLN 12 C ? ? ? 1_555 A DIV 13 N B ? A GLN 11 A DIV 12 1_555 ? ? ? ? ? ? ? 1.330 ? ? 
covale13 covale both ? A DIV 13 C B ? ? 1_555 A HYP 14 N B ? A DIV 12 A HYP 13 1_555 ? ? ? ? ? ? ? 1.345 ? ? 
covale14 covale both ? A DIV 13 C A ? ? 1_555 A HYP 14 N A ? A DIV 12 A HYP 13 1_555 ? ? ? ? ? ? ? 1.363 ? ? 
covale15 covale both ? A HYP 14 C A ? ? 1_555 A AIB 15 N A ? A HYP 13 A AIB 14 1_555 ? ? ? ? ? ? ? 1.315 ? ? 
covale16 covale both ? A HYP 14 C B ? ? 1_555 A AIB 15 N B ? A HYP 13 A AIB 14 1_555 ? ? ? ? ? ? ? 1.322 ? ? 
covale17 covale both ? A AIB 15 C A ? ? 1_555 A PRO 16 N A ? A AIB 14 A PRO 15 1_555 ? ? ? ? ? ? ? 1.334 ? ? 
covale18 covale both ? A AIB 15 C B ? ? 1_555 A PRO 16 N B ? A AIB 14 A PRO 15 1_555 ? ? ? ? ? ? ? 1.351 ? ? 
covale19 covale both ? A PRO 16 C B ? ? 1_555 A PHL 17 N B ? A PRO 15 A PHL 16 1_555 ? ? ? ? ? ? ? 1.303 ? ? 
covale20 covale both ? A PRO 16 C A ? ? 1_555 A PHL 17 N A ? A PRO 15 A PHL 16 1_555 ? ? ? ? ? ? ? 1.299 ? ? 
covale21 covale both ? B ACE 1  C A ? ? 1_555 B PHE 2  N A ? B ACE 0  B PHE 1  1_555 ? ? ? ? ? ? ? 1.357 ? ? 
covale22 covale both ? B ACE 1  C B ? ? 1_555 B PHE 2  N B ? B ACE 0  B PHE 1  1_555 ? ? ? ? ? ? ? 1.296 ? ? 
covale23 covale both ? B PHE 2  C B ? ? 1_555 B AIB 3  N B ? B PHE 1  B AIB 2  1_555 ? ? ? ? ? ? ? 1.347 ? ? 
covale24 covale both ? B PHE 2  C A ? ? 1_555 B AIB 3  N A ? B PHE 1  B AIB 2  1_555 ? ? ? ? ? ? ? 1.341 ? ? 
covale25 covale both ? B AIB 3  C A ? ? 1_555 B AIB 4  N A ? B AIB 2  B AIB 3  1_555 ? ? ? ? ? ? ? 1.339 ? ? 
covale26 covale both ? B AIB 3  C B ? ? 1_555 B AIB 4  N B ? B AIB 2  B AIB 3  1_555 ? ? ? ? ? ? ? 1.329 ? ? 
covale27 covale both ? B AIB 4  C ? ? ? 1_555 B AIB 5  N ? ? B AIB 3  B AIB 4  1_555 ? ? ? ? ? ? ? 1.340 ? ? 
covale28 covale both ? B AIB 5  C ? ? ? 1_555 B DIV 6  N ? ? B AIB 4  B DIV 5  1_555 ? ? ? ? ? ? ? 1.335 ? ? 
covale29 covale both ? B DIV 6  C ? ? ? 1_555 B GLY 7  N ? ? B DIV 5  B GLY 6  1_555 ? ? ? ? ? ? ? 1.347 ? ? 
covale30 covale both ? B LEU 8  C ? ? ? 1_555 B DIV 9  N ? ? B LEU 7  B DIV 8  1_555 ? ? ? ? ? ? ? 1.339 ? ? 
covale31 covale both ? B DIV 9  C ? ? ? 1_555 B AIB 10 N ? ? B DIV 8  B AIB 9  1_555 ? ? ? ? ? ? ? 1.355 ? ? 
covale32 covale both ? B AIB 10 C ? ? ? 1_555 B HYP 11 N ? ? B AIB 9  B HYP 10 1_555 ? ? ? ? ? ? ? 1.347 ? ? 
covale33 covale both ? B HYP 11 C ? ? ? 1_555 B GLN 12 N ? ? B HYP 10 B GLN 11 1_555 ? ? ? ? ? ? ? 1.333 ? ? 
covale34 covale both ? B GLN 12 C ? ? ? 1_555 B DIV 13 N ? ? B GLN 11 B DIV 12 1_555 ? ? ? ? ? ? ? 1.336 ? ? 
covale35 covale both ? B DIV 13 C ? ? ? 1_555 B HYP 14 N ? ? B DIV 12 B HYP 13 1_555 ? ? ? ? ? ? ? 1.360 ? ? 
covale36 covale both ? B HYP 14 C ? ? ? 1_555 B AIB 15 N ? ? B HYP 13 B AIB 14 1_555 ? ? ? ? ? ? ? 1.313 ? ? 
covale37 covale both ? B AIB 15 C ? ? ? 1_555 B PRO 16 N ? ? B AIB 14 B PRO 15 1_555 ? ? ? ? ? ? ? 1.357 ? ? 
covale38 covale both ? B PRO 16 C ? ? ? 1_555 B PHL 17 N ? ? B PRO 15 B PHL 16 1_555 ? ? ? ? ? ? ? 1.316 ? ? 
# 
_struct_conn_type.id          covale 
_struct_conn_type.criteria    ? 
_struct_conn_type.reference   ? 
# 
loop_
_pdbx_modification_feature.ordinal 
_pdbx_modification_feature.label_comp_id 
_pdbx_modification_feature.label_asym_id 
_pdbx_modification_feature.label_seq_id 
_pdbx_modification_feature.label_alt_id 
_pdbx_modification_feature.modified_residue_label_comp_id 
_pdbx_modification_feature.modified_residue_label_asym_id 
_pdbx_modification_feature.modified_residue_label_seq_id 
_pdbx_modification_feature.modified_residue_label_alt_id 
_pdbx_modification_feature.auth_comp_id 
_pdbx_modification_feature.auth_asym_id 
_pdbx_modification_feature.auth_seq_id 
_pdbx_modification_feature.PDB_ins_code 
_pdbx_modification_feature.symmetry 
_pdbx_modification_feature.modified_residue_auth_comp_id 
_pdbx_modification_feature.modified_residue_auth_asym_id 
_pdbx_modification_feature.modified_residue_auth_seq_id 
_pdbx_modification_feature.modified_residue_PDB_ins_code 
_pdbx_modification_feature.modified_residue_symmetry 
_pdbx_modification_feature.comp_id_linking_atom 
_pdbx_modification_feature.modified_residue_id_linking_atom 
_pdbx_modification_feature.modified_residue_id 
_pdbx_modification_feature.ref_pcm_id 
_pdbx_modification_feature.ref_comp_id 
_pdbx_modification_feature.type 
_pdbx_modification_feature.category 
1  AIB A 3  ? .   . . . AIB A 2  ? 1_555 .   . . . .     . . ALA 1  AIB Methylation   'Named protein modification' 
2  AIB A 4  ? .   . . . AIB A 3  ? 1_555 .   . . . .     . . ALA 1  AIB Methylation   'Named protein modification' 
3  AIB A 5  ? .   . . . AIB A 4  ? 1_555 .   . . . .     . . ALA 1  AIB Methylation   'Named protein modification' 
4  AIB A 10 ? .   . . . AIB A 9  ? 1_555 .   . . . .     . . ALA 1  AIB Methylation   'Named protein modification' 
5  HYP A 11 ? .   . . . HYP A 10 ? 1_555 .   . . . .     . . PRO 1  HYP Hydroxylation 'Named protein modification' 
6  HYP A 14 A .   . . . HYP A 13 ? 1_555 .   . . . .     . . PRO 1  HYP Hydroxylation 'Named protein modification' 
7  HYP A 14 B .   . . . HYP A 13 ? 1_555 .   . . . .     . . PRO 1  HYP Hydroxylation 'Named protein modification' 
8  AIB A 15 A .   . . . AIB A 14 ? 1_555 .   . . . .     . . ALA 1  AIB Methylation   'Named protein modification' 
9  AIB A 15 B .   . . . AIB A 14 ? 1_555 .   . . . .     . . ALA 1  AIB Methylation   'Named protein modification' 
10 PHL A 17 A .   . . . PHL A 16 ? 1_555 .   . . . .     . . PHE 1  PHL Deoxidation   'Named protein modification' 
11 PHL A 17 B .   . . . PHL A 16 ? 1_555 .   . . . .     . . PHE 1  PHL Deoxidation   'Named protein modification' 
12 AIB B 3  A .   . . . AIB B 2  ? 1_555 .   . . . .     . . ALA 1  AIB Methylation   'Named protein modification' 
13 AIB B 3  B .   . . . AIB B 2  ? 1_555 .   . . . .     . . ALA 1  AIB Methylation   'Named protein modification' 
14 AIB B 4  ? .   . . . AIB B 3  ? 1_555 .   . . . .     . . ALA 1  AIB Methylation   'Named protein modification' 
15 AIB B 4  A .   . . . AIB B 3  ? 1_555 .   . . . .     . . ALA 1  AIB Methylation   'Named protein modification' 
16 AIB B 4  B .   . . . AIB B 3  ? 1_555 .   . . . .     . . ALA 1  AIB Methylation   'Named protein modification' 
17 AIB B 5  ? .   . . . AIB B 4  ? 1_555 .   . . . .     . . ALA 1  AIB Methylation   'Named protein modification' 
18 AIB B 10 ? .   . . . AIB B 9  ? 1_555 .   . . . .     . . ALA 1  AIB Methylation   'Named protein modification' 
19 HYP B 11 ? .   . . . HYP B 10 ? 1_555 .   . . . .     . . PRO 1  HYP Hydroxylation 'Named protein modification' 
20 HYP B 14 ? .   . . . HYP B 13 ? 1_555 .   . . . .     . . PRO 1  HYP Hydroxylation 'Named protein modification' 
21 AIB B 15 ? .   . . . AIB B 14 ? 1_555 .   . . . .     . . ALA 1  AIB Methylation   'Named protein modification' 
22 PHL B 17 ? .   . . . PHL B 16 ? 1_555 .   . . . .     . . PHE 1  PHL Deoxidation   'Named protein modification' 
23 DIV A 6  ? .   . . . DIV A 5  ? 1_555 .   . . . .     . . ?   1  DIV None          'Non-standard residue'       
24 DIV A 9  ? .   . . . DIV A 8  ? 1_555 .   . . . .     . . ?   1  DIV None          'Non-standard residue'       
25 DIV A 13 A .   . . . DIV A 12 ? 1_555 .   . . . .     . . ?   1  DIV None          'Non-standard residue'       
26 DIV A 13 B .   . . . DIV A 12 ? 1_555 .   . . . .     . . ?   1  DIV None          'Non-standard residue'       
27 DIV B 6  ? .   . . . DIV B 5  ? 1_555 .   . . . .     . . ?   1  DIV None          'Non-standard residue'       
28 DIV B 9  ? .   . . . DIV B 8  ? 1_555 .   . . . .     . . ?   1  DIV None          'Non-standard residue'       
29 DIV B 13 ? .   . . . DIV B 12 ? 1_555 .   . . . .     . . ?   1  DIV None          'Non-standard residue'       
30 ACE A 1  ? PHE A 2 ? ACE A 0  ? 1_555 PHE A 1 ? 1_555 . . PHE 15 ACE None          'Terminal acetylation'       
31 ACE B 1  A PHE B 2 A ACE B 0  ? 1_555 PHE B 1 ? 1_555 . . PHE 15 ACE None          'Terminal acetylation'       
32 ACE B 1  B PHE B 2 B ACE B 0  ? 1_555 PHE B 1 ? 1_555 . . PHE 15 ACE None          'Terminal acetylation'       
# 
loop_
_struct_site.id 
_struct_site.pdbx_evidence_code 
_struct_site.pdbx_auth_asym_id 
_struct_site.pdbx_auth_comp_id 
_struct_site.pdbx_auth_seq_id 
_struct_site.pdbx_auth_ins_code 
_struct_site.pdbx_num_residues 
_struct_site.details 
AC1 Software B ACT 29 ? 3  'BINDING SITE FOR RESIDUE ACT B 29'       
AC2 Software A EOH 29 ? 4  'BINDING SITE FOR RESIDUE EOH A 29'       
AC3 Software B EOH 30 ? 4  'BINDING SITE FOR RESIDUE EOH B 30'       
AC4 Software ? ?   ?  ? 26 'BINDING SITE FOR CHAIN A OF CEPHAIBOL B' 
AC5 Software ? ?   ?  ? 25 'BINDING SITE FOR CHAIN B OF CEPHAIBOL B' 
# 
loop_
_struct_site_gen.id 
_struct_site_gen.site_id 
_struct_site_gen.pdbx_num_res 
_struct_site_gen.label_comp_id 
_struct_site_gen.label_asym_id 
_struct_site_gen.label_seq_id 
_struct_site_gen.pdbx_auth_ins_code 
_struct_site_gen.auth_comp_id 
_struct_site_gen.auth_asym_id 
_struct_site_gen.auth_seq_id 
_struct_site_gen.label_atom_id 
_struct_site_gen.label_alt_id 
_struct_site_gen.symmetry 
_struct_site_gen.details 
1  AC1 3  PHE A 2  ? PHE A 1    . ? 1_446 ? 
2  AC1 3  PRO B 16 ? PRO B 15   . ? 1_555 ? 
3  AC1 3  EOH E .  ? EOH B 30   . ? 1_555 ? 
4  AC2 4  GLY A 7  ? GLY A 6    . ? 1_555 ? 
5  AC2 4  HYP A 11 ? HYP A 10   . ? 1_555 ? 
6  AC2 4  HOH F .  ? HOH A 2001 . ? 1_565 ? 
7  AC2 4  HOH F .  ? HOH A 2006 . ? 1_555 ? 
8  AC3 4  ACE A 1  ? ACE A 0    . ? 1_446 ? 
9  AC3 4  PHL B 17 ? PHL B 16   . ? 1_545 ? 
10 AC3 4  ACT D .  ? ACT B 29   . ? 1_555 ? 
11 AC3 4  HOH G .  ? HOH B 2011 . ? 1_545 ? 
12 AC4 26 EOH C .  ? EOH A 29   . ? 1_555 ? 
13 AC4 26 HOH F .  ? HOH A 2001 . ? 1_555 ? 
14 AC4 26 HOH F .  ? HOH A 2004 . ? 1_555 ? 
15 AC4 26 HOH F .  ? HOH A 2005 . ? 1_555 ? 
16 AC4 26 HOH F .  ? HOH A 2005 . ? 1_545 ? 
17 AC4 26 HOH F .  ? HOH A 2006 . ? 1_555 ? 
18 AC4 26 HOH F .  ? HOH A 2007 . ? 1_555 ? 
19 AC4 26 HOH F .  ? HOH A 2008 . ? 1_545 ? 
20 AC4 26 HOH F .  ? HOH A 2008 . ? 1_555 ? 
21 AC4 26 HOH F .  ? HOH A 2009 . ? 1_555 ? 
22 AC4 26 HOH F .  ? HOH A 2010 . ? 1_555 ? 
23 AC4 26 HOH F .  ? HOH A 2011 . ? 1_565 ? 
24 AC4 26 HOH F .  ? HOH A 2011 . ? 1_555 ? 
25 AC4 26 HOH F .  ? HOH A 2012 . ? 1_555 ? 
26 AC4 26 HOH F .  ? HOH A 2013 . ? 1_555 ? 
27 AC4 26 ACE B 1  ? ACE B 0    . ? 1_565 ? 
28 AC4 26 ACE B 1  ? ACE B 0    . ? 1_555 ? 
29 AC4 26 PHE B 2  ? PHE B 1    . ? 1_555 ? 
30 AC4 26 AIB B 3  ? AIB B 2    . ? 1_555 ? 
31 AC4 26 AIB B 15 ? AIB B 14   . ? 1_664 ? 
32 AC4 26 PRO B 16 ? PRO B 15   . ? 1_664 ? 
33 AC4 26 PHL B 17 ? PHL B 16   . ? 1_664 ? 
34 AC4 26 ACT D .  ? ACT B 29   . ? 1_664 ? 
35 AC4 26 EOH E .  ? EOH B 30   . ? 1_664 ? 
36 AC4 26 HOH G .  ? HOH B 2001 . ? 1_565 ? 
37 AC4 26 HOH G .  ? HOH B 2011 . ? 1_654 ? 
38 AC5 25 ACE A 1  ? ACE A 0    . ? 1_446 ? 
39 AC5 25 PHE A 2  ? PHE A 1    . ? 1_446 ? 
40 AC5 25 AIB A 3  ? AIB A 2    . ? 1_446 ? 
41 AC5 25 AIB A 15 ? AIB A 14   . ? 1_555 ? 
42 AC5 25 PRO A 16 ? PRO A 15   . ? 1_555 ? 
43 AC5 25 PHL A 17 ? PHL A 16   . ? 1_545 ? 
44 AC5 25 PHL A 17 ? PHL A 16   . ? 1_555 ? 
45 AC5 25 HOH F .  ? HOH A 2002 . ? 1_555 ? 
46 AC5 25 HOH F .  ? HOH A 2012 . ? 1_555 ? 
47 AC5 25 HOH F .  ? HOH A 2013 . ? 1_555 ? 
48 AC5 25 HOH F .  ? HOH A 2014 . ? 1_555 ? 
49 AC5 25 ACT D .  ? ACT B 29   . ? 1_555 ? 
50 AC5 25 EOH E .  ? EOH B 30   . ? 1_565 ? 
51 AC5 25 HOH G .  ? HOH B 2002 . ? 1_555 ? 
52 AC5 25 HOH G .  ? HOH B 2003 . ? 1_555 ? 
53 AC5 25 HOH G .  ? HOH B 2004 . ? 1_555 ? 
54 AC5 25 HOH G .  ? HOH B 2005 . ? 1_555 ? 
55 AC5 25 HOH G .  ? HOH B 2006 . ? 1_555 ? 
56 AC5 25 HOH G .  ? HOH B 2007 . ? 1_545 ? 
57 AC5 25 HOH G .  ? HOH B 2007 . ? 1_555 ? 
58 AC5 25 HOH G .  ? HOH B 2008 . ? 1_555 ? 
59 AC5 25 HOH G .  ? HOH B 2009 . ? 1_555 ? 
60 AC5 25 HOH G .  ? HOH B 2010 . ? 1_555 ? 
61 AC5 25 HOH G .  ? HOH B 2011 . ? 1_555 ? 
62 AC5 25 HOH G .  ? HOH B 2012 . ? 1_555 ? 
# 
_pdbx_entry_details.entry_id                   1OB6 
_pdbx_entry_details.compound_details           
;CEPHAIBOL B IS LINEAR PEPTIDE, A MEMBER OF THE PEPTAIBOL
FAMILY OF MEMBRANE CHANNEL FORMING PEPTIDES.
HERE, CEPHAIBOL B IS REPRESENTED BY THE SEQUENCE (SEQRES)

 GROUP: 1
  NAME:  CEPHAIBOL B
  CHAIN: A, B
  COMPONENT_1: PEPTIDE LIKE SEQUENCE RESIDUES 0 TO 16
  DESCRIPTION: CEPHAIBOL A IS A  HEXADECAMERIC HELICAL PEPTIDE.
               THE N-TERM IS ACETYLATED (RESIDUE 0)
;
_pdbx_entry_details.source_details             ? 
_pdbx_entry_details.nonpolymer_details         ? 
_pdbx_entry_details.sequence_details           ? 
_pdbx_entry_details.has_ligand_of_interest     ? 
_pdbx_entry_details.has_protein_modification   Y 
# 
_pdbx_validate_rmsd_angle.id                         1 
_pdbx_validate_rmsd_angle.PDB_model_num              1 
_pdbx_validate_rmsd_angle.auth_atom_id_1             CZ 
_pdbx_validate_rmsd_angle.auth_asym_id_1             B 
_pdbx_validate_rmsd_angle.auth_comp_id_1             PHE 
_pdbx_validate_rmsd_angle.auth_seq_id_1              1 
_pdbx_validate_rmsd_angle.PDB_ins_code_1             ? 
_pdbx_validate_rmsd_angle.label_alt_id_1             B 
_pdbx_validate_rmsd_angle.auth_atom_id_2             CE2 
_pdbx_validate_rmsd_angle.auth_asym_id_2             B 
_pdbx_validate_rmsd_angle.auth_comp_id_2             PHE 
_pdbx_validate_rmsd_angle.auth_seq_id_2              1 
_pdbx_validate_rmsd_angle.PDB_ins_code_2             ? 
_pdbx_validate_rmsd_angle.label_alt_id_2             B 
_pdbx_validate_rmsd_angle.auth_atom_id_3             CD2 
_pdbx_validate_rmsd_angle.auth_asym_id_3             B 
_pdbx_validate_rmsd_angle.auth_comp_id_3             PHE 
_pdbx_validate_rmsd_angle.auth_seq_id_3              1 
_pdbx_validate_rmsd_angle.PDB_ins_code_3             ? 
_pdbx_validate_rmsd_angle.label_alt_id_3             B 
_pdbx_validate_rmsd_angle.angle_value                110.45 
_pdbx_validate_rmsd_angle.angle_target_value         120.10 
_pdbx_validate_rmsd_angle.angle_deviation            -9.65 
_pdbx_validate_rmsd_angle.angle_standard_deviation   1.20 
_pdbx_validate_rmsd_angle.linker_flag                N 
# 
_pdbx_molecule_features.prd_id    PRD_000157 
_pdbx_molecule_features.name      'Cephaibol B' 
_pdbx_molecule_features.type      Peptaibol 
_pdbx_molecule_features.class     Antibiotic 
_pdbx_molecule_features.details   
;CEPHAIBOL A IS A  HEXADECAMERIC HELICAL PEPTIDE.
 THE N-TERM IS ACETYLATED (RESIDUE 0)
;
# 
loop_
_pdbx_molecule.instance_id 
_pdbx_molecule.prd_id 
_pdbx_molecule.asym_id 
1 PRD_000157 A 
2 PRD_000157 B 
# 
loop_
_pdbx_struct_mod_residue.id 
_pdbx_struct_mod_residue.label_asym_id 
_pdbx_struct_mod_residue.label_comp_id 
_pdbx_struct_mod_residue.label_seq_id 
_pdbx_struct_mod_residue.auth_asym_id 
_pdbx_struct_mod_residue.auth_comp_id 
_pdbx_struct_mod_residue.auth_seq_id 
_pdbx_struct_mod_residue.PDB_ins_code 
_pdbx_struct_mod_residue.parent_comp_id 
_pdbx_struct_mod_residue.details 
1  A AIB 3  A AIB 2  ? ALA 'ALPHA-AMINOISOBUTYRIC ACID' 
2  A AIB 4  A AIB 3  ? ALA 'ALPHA-AMINOISOBUTYRIC ACID' 
3  A AIB 5  A AIB 4  ? ALA 'ALPHA-AMINOISOBUTYRIC ACID' 
4  A AIB 10 A AIB 9  ? ALA 'ALPHA-AMINOISOBUTYRIC ACID' 
5  A HYP 11 A HYP 10 ? PRO 4-HYDROXYPROLINE             
6  A HYP 14 A HYP 13 ? PRO 4-HYDROXYPROLINE             
7  A AIB 15 A AIB 14 ? ALA 'ALPHA-AMINOISOBUTYRIC ACID' 
8  A PHL 17 A PHL 16 ? PHE L-PHENYLALANINOL             
9  B AIB 3  B AIB 2  ? ALA 'ALPHA-AMINOISOBUTYRIC ACID' 
10 B AIB 4  B AIB 3  ? ALA 'ALPHA-AMINOISOBUTYRIC ACID' 
11 B AIB 5  B AIB 4  ? ALA 'ALPHA-AMINOISOBUTYRIC ACID' 
12 B AIB 10 B AIB 9  ? ALA 'ALPHA-AMINOISOBUTYRIC ACID' 
13 B HYP 11 B HYP 10 ? PRO 4-HYDROXYPROLINE             
14 B HYP 14 B HYP 13 ? PRO 4-HYDROXYPROLINE             
15 B AIB 15 B AIB 14 ? ALA 'ALPHA-AMINOISOBUTYRIC ACID' 
16 B PHL 17 B PHL 16 ? PHE L-PHENYLALANINOL             
# 
loop_
_chem_comp_atom.comp_id 
_chem_comp_atom.atom_id 
_chem_comp_atom.type_symbol 
_chem_comp_atom.pdbx_aromatic_flag 
_chem_comp_atom.pdbx_stereo_config 
_chem_comp_atom.pdbx_ordinal 
ACE C    C N N 1   
ACE O    O N N 2   
ACE CH3  C N N 3   
ACE H    H N N 4   
ACE H1   H N N 5   
ACE H2   H N N 6   
ACE H3   H N N 7   
ACT C    C N N 8   
ACT O    O N N 9   
ACT OXT  O N N 10  
ACT CH3  C N N 11  
ACT H1   H N N 12  
ACT H2   H N N 13  
ACT H3   H N N 14  
AIB N    N N N 15  
AIB CA   C N N 16  
AIB C    C N N 17  
AIB O    O N N 18  
AIB OXT  O N N 19  
AIB CB1  C N N 20  
AIB CB2  C N N 21  
AIB H    H N N 22  
AIB H2   H N N 23  
AIB HXT  H N N 24  
AIB HB11 H N N 25  
AIB HB12 H N N 26  
AIB HB13 H N N 27  
AIB HB21 H N N 28  
AIB HB22 H N N 29  
AIB HB23 H N N 30  
DIV N    N N N 31  
DIV CA   C N R 32  
DIV CB1  C N N 33  
DIV CG1  C N N 34  
DIV CB2  C N N 35  
DIV C    C N N 36  
DIV O    O N N 37  
DIV OXT  O N N 38  
DIV H    H N N 39  
DIV H2   H N N 40  
DIV HB11 H N N 41  
DIV HB12 H N N 42  
DIV HG11 H N N 43  
DIV HG12 H N N 44  
DIV HG13 H N N 45  
DIV HB21 H N N 46  
DIV HB22 H N N 47  
DIV HB23 H N N 48  
DIV HXT  H N N 49  
EOH C1   C N N 50  
EOH C2   C N N 51  
EOH O    O N N 52  
EOH H11  H N N 53  
EOH H12  H N N 54  
EOH H21  H N N 55  
EOH H22  H N N 56  
EOH H23  H N N 57  
EOH HO   H N N 58  
GLN N    N N N 59  
GLN CA   C N S 60  
GLN C    C N N 61  
GLN O    O N N 62  
GLN CB   C N N 63  
GLN CG   C N N 64  
GLN CD   C N N 65  
GLN OE1  O N N 66  
GLN NE2  N N N 67  
GLN OXT  O N N 68  
GLN H    H N N 69  
GLN H2   H N N 70  
GLN HA   H N N 71  
GLN HB2  H N N 72  
GLN HB3  H N N 73  
GLN HG2  H N N 74  
GLN HG3  H N N 75  
GLN HE21 H N N 76  
GLN HE22 H N N 77  
GLN HXT  H N N 78  
GLY N    N N N 79  
GLY CA   C N N 80  
GLY C    C N N 81  
GLY O    O N N 82  
GLY OXT  O N N 83  
GLY H    H N N 84  
GLY H2   H N N 85  
GLY HA2  H N N 86  
GLY HA3  H N N 87  
GLY HXT  H N N 88  
HOH O    O N N 89  
HOH H1   H N N 90  
HOH H2   H N N 91  
HYP N    N N N 92  
HYP CA   C N S 93  
HYP C    C N N 94  
HYP O    O N N 95  
HYP CB   C N N 96  
HYP CG   C N R 97  
HYP CD   C N N 98  
HYP OD1  O N N 99  
HYP OXT  O N N 100 
HYP H    H N N 101 
HYP HA   H N N 102 
HYP HB2  H N N 103 
HYP HB3  H N N 104 
HYP HG   H N N 105 
HYP HD22 H N N 106 
HYP HD23 H N N 107 
HYP HD1  H N N 108 
HYP HXT  H N N 109 
LEU N    N N N 110 
LEU CA   C N S 111 
LEU C    C N N 112 
LEU O    O N N 113 
LEU CB   C N N 114 
LEU CG   C N N 115 
LEU CD1  C N N 116 
LEU CD2  C N N 117 
LEU OXT  O N N 118 
LEU H    H N N 119 
LEU H2   H N N 120 
LEU HA   H N N 121 
LEU HB2  H N N 122 
LEU HB3  H N N 123 
LEU HG   H N N 124 
LEU HD11 H N N 125 
LEU HD12 H N N 126 
LEU HD13 H N N 127 
LEU HD21 H N N 128 
LEU HD22 H N N 129 
LEU HD23 H N N 130 
LEU HXT  H N N 131 
PHE N    N N N 132 
PHE CA   C N S 133 
PHE C    C N N 134 
PHE O    O N N 135 
PHE CB   C N N 136 
PHE CG   C Y N 137 
PHE CD1  C Y N 138 
PHE CD2  C Y N 139 
PHE CE1  C Y N 140 
PHE CE2  C Y N 141 
PHE CZ   C Y N 142 
PHE OXT  O N N 143 
PHE H    H N N 144 
PHE H2   H N N 145 
PHE HA   H N N 146 
PHE HB2  H N N 147 
PHE HB3  H N N 148 
PHE HD1  H N N 149 
PHE HD2  H N N 150 
PHE HE1  H N N 151 
PHE HE2  H N N 152 
PHE HZ   H N N 153 
PHE HXT  H N N 154 
PHL N    N N N 155 
PHL CA   C N S 156 
PHL C    C N N 157 
PHL O    O N N 158 
PHL CB   C N N 159 
PHL CG   C Y N 160 
PHL CD1  C Y N 161 
PHL CD2  C Y N 162 
PHL CE1  C Y N 163 
PHL CE2  C Y N 164 
PHL CZ   C Y N 165 
PHL H    H N N 166 
PHL H2   H N N 167 
PHL HA   H N N 168 
PHL HC1  H N N 169 
PHL HC2  H N N 170 
PHL HO   H N N 171 
PHL HB2  H N N 172 
PHL HB3  H N N 173 
PHL HD1  H N N 174 
PHL HD2  H N N 175 
PHL HE1  H N N 176 
PHL HE2  H N N 177 
PHL HZ   H N N 178 
PRO N    N N N 179 
PRO CA   C N S 180 
PRO C    C N N 181 
PRO O    O N N 182 
PRO CB   C N N 183 
PRO CG   C N N 184 
PRO CD   C N N 185 
PRO OXT  O N N 186 
PRO H    H N N 187 
PRO HA   H N N 188 
PRO HB2  H N N 189 
PRO HB3  H N N 190 
PRO HG2  H N N 191 
PRO HG3  H N N 192 
PRO HD2  H N N 193 
PRO HD3  H N N 194 
PRO HXT  H N N 195 
# 
loop_
_chem_comp_bond.comp_id 
_chem_comp_bond.atom_id_1 
_chem_comp_bond.atom_id_2 
_chem_comp_bond.value_order 
_chem_comp_bond.pdbx_aromatic_flag 
_chem_comp_bond.pdbx_stereo_config 
_chem_comp_bond.pdbx_ordinal 
ACE C   O    doub N N 1   
ACE C   CH3  sing N N 2   
ACE C   H    sing N N 3   
ACE CH3 H1   sing N N 4   
ACE CH3 H2   sing N N 5   
ACE CH3 H3   sing N N 6   
ACT C   O    doub N N 7   
ACT C   OXT  sing N N 8   
ACT C   CH3  sing N N 9   
ACT CH3 H1   sing N N 10  
ACT CH3 H2   sing N N 11  
ACT CH3 H3   sing N N 12  
AIB N   CA   sing N N 13  
AIB N   H    sing N N 14  
AIB N   H2   sing N N 15  
AIB CA  C    sing N N 16  
AIB CA  CB1  sing N N 17  
AIB CA  CB2  sing N N 18  
AIB C   O    doub N N 19  
AIB C   OXT  sing N N 20  
AIB OXT HXT  sing N N 21  
AIB CB1 HB11 sing N N 22  
AIB CB1 HB12 sing N N 23  
AIB CB1 HB13 sing N N 24  
AIB CB2 HB21 sing N N 25  
AIB CB2 HB22 sing N N 26  
AIB CB2 HB23 sing N N 27  
DIV N   CA   sing N N 28  
DIV N   H    sing N N 29  
DIV N   H2   sing N N 30  
DIV CA  CB1  sing N N 31  
DIV CA  CB2  sing N N 32  
DIV CA  C    sing N N 33  
DIV CB1 CG1  sing N N 34  
DIV CB1 HB11 sing N N 35  
DIV CB1 HB12 sing N N 36  
DIV CG1 HG11 sing N N 37  
DIV CG1 HG12 sing N N 38  
DIV CG1 HG13 sing N N 39  
DIV CB2 HB21 sing N N 40  
DIV CB2 HB22 sing N N 41  
DIV CB2 HB23 sing N N 42  
DIV C   O    doub N N 43  
DIV C   OXT  sing N N 44  
DIV OXT HXT  sing N N 45  
EOH C1  C2   sing N N 46  
EOH C1  O    sing N N 47  
EOH C1  H11  sing N N 48  
EOH C1  H12  sing N N 49  
EOH C2  H21  sing N N 50  
EOH C2  H22  sing N N 51  
EOH C2  H23  sing N N 52  
EOH O   HO   sing N N 53  
GLN N   CA   sing N N 54  
GLN N   H    sing N N 55  
GLN N   H2   sing N N 56  
GLN CA  C    sing N N 57  
GLN CA  CB   sing N N 58  
GLN CA  HA   sing N N 59  
GLN C   O    doub N N 60  
GLN C   OXT  sing N N 61  
GLN CB  CG   sing N N 62  
GLN CB  HB2  sing N N 63  
GLN CB  HB3  sing N N 64  
GLN CG  CD   sing N N 65  
GLN CG  HG2  sing N N 66  
GLN CG  HG3  sing N N 67  
GLN CD  OE1  doub N N 68  
GLN CD  NE2  sing N N 69  
GLN NE2 HE21 sing N N 70  
GLN NE2 HE22 sing N N 71  
GLN OXT HXT  sing N N 72  
GLY N   CA   sing N N 73  
GLY N   H    sing N N 74  
GLY N   H2   sing N N 75  
GLY CA  C    sing N N 76  
GLY CA  HA2  sing N N 77  
GLY CA  HA3  sing N N 78  
GLY C   O    doub N N 79  
GLY C   OXT  sing N N 80  
GLY OXT HXT  sing N N 81  
HOH O   H1   sing N N 82  
HOH O   H2   sing N N 83  
HYP N   CA   sing N N 84  
HYP N   CD   sing N N 85  
HYP N   H    sing N N 86  
HYP CA  C    sing N N 87  
HYP CA  CB   sing N N 88  
HYP CA  HA   sing N N 89  
HYP C   O    doub N N 90  
HYP C   OXT  sing N N 91  
HYP CB  CG   sing N N 92  
HYP CB  HB2  sing N N 93  
HYP CB  HB3  sing N N 94  
HYP CG  CD   sing N N 95  
HYP CG  OD1  sing N N 96  
HYP CG  HG   sing N N 97  
HYP CD  HD22 sing N N 98  
HYP CD  HD23 sing N N 99  
HYP OD1 HD1  sing N N 100 
HYP OXT HXT  sing N N 101 
LEU N   CA   sing N N 102 
LEU N   H    sing N N 103 
LEU N   H2   sing N N 104 
LEU CA  C    sing N N 105 
LEU CA  CB   sing N N 106 
LEU CA  HA   sing N N 107 
LEU C   O    doub N N 108 
LEU C   OXT  sing N N 109 
LEU CB  CG   sing N N 110 
LEU CB  HB2  sing N N 111 
LEU CB  HB3  sing N N 112 
LEU CG  CD1  sing N N 113 
LEU CG  CD2  sing N N 114 
LEU CG  HG   sing N N 115 
LEU CD1 HD11 sing N N 116 
LEU CD1 HD12 sing N N 117 
LEU CD1 HD13 sing N N 118 
LEU CD2 HD21 sing N N 119 
LEU CD2 HD22 sing N N 120 
LEU CD2 HD23 sing N N 121 
LEU OXT HXT  sing N N 122 
PHE N   CA   sing N N 123 
PHE N   H    sing N N 124 
PHE N   H2   sing N N 125 
PHE CA  C    sing N N 126 
PHE CA  CB   sing N N 127 
PHE CA  HA   sing N N 128 
PHE C   O    doub N N 129 
PHE C   OXT  sing N N 130 
PHE CB  CG   sing N N 131 
PHE CB  HB2  sing N N 132 
PHE CB  HB3  sing N N 133 
PHE CG  CD1  doub Y N 134 
PHE CG  CD2  sing Y N 135 
PHE CD1 CE1  sing Y N 136 
PHE CD1 HD1  sing N N 137 
PHE CD2 CE2  doub Y N 138 
PHE CD2 HD2  sing N N 139 
PHE CE1 CZ   doub Y N 140 
PHE CE1 HE1  sing N N 141 
PHE CE2 CZ   sing Y N 142 
PHE CE2 HE2  sing N N 143 
PHE CZ  HZ   sing N N 144 
PHE OXT HXT  sing N N 145 
PHL N   CA   sing N N 146 
PHL N   H    sing N N 147 
PHL N   H2   sing N N 148 
PHL CA  C    sing N N 149 
PHL CA  CB   sing N N 150 
PHL CA  HA   sing N N 151 
PHL C   O    sing N N 152 
PHL C   HC1  sing N N 153 
PHL C   HC2  sing N N 154 
PHL O   HO   sing N N 155 
PHL CB  CG   sing N N 156 
PHL CB  HB2  sing N N 157 
PHL CB  HB3  sing N N 158 
PHL CG  CD1  doub Y N 159 
PHL CG  CD2  sing Y N 160 
PHL CD1 CE1  sing Y N 161 
PHL CD1 HD1  sing N N 162 
PHL CD2 CE2  doub Y N 163 
PHL CD2 HD2  sing N N 164 
PHL CE1 CZ   doub Y N 165 
PHL CE1 HE1  sing N N 166 
PHL CE2 CZ   sing Y N 167 
PHL CE2 HE2  sing N N 168 
PHL CZ  HZ   sing N N 169 
PRO N   CA   sing N N 170 
PRO N   CD   sing N N 171 
PRO N   H    sing N N 172 
PRO CA  C    sing N N 173 
PRO CA  CB   sing N N 174 
PRO CA  HA   sing N N 175 
PRO C   O    doub N N 176 
PRO C   OXT  sing N N 177 
PRO CB  CG   sing N N 178 
PRO CB  HB2  sing N N 179 
PRO CB  HB3  sing N N 180 
PRO CG  CD   sing N N 181 
PRO CG  HG2  sing N N 182 
PRO CG  HG3  sing N N 183 
PRO CD  HD2  sing N N 184 
PRO CD  HD3  sing N N 185 
PRO OXT HXT  sing N N 186 
# 
_atom_sites.entry_id                    1OB6 
_atom_sites.fract_transf_matrix[1][1]   0.00956952 
_atom_sites.fract_transf_matrix[1][2]   -0.00040230 
_atom_sites.fract_transf_matrix[1][3]   0.03199971 
_atom_sites.fract_transf_matrix[2][1]   -0.05604441 
_atom_sites.fract_transf_matrix[2][2]   -0.09286017 
_atom_sites.fract_transf_matrix[2][3]   0.01559267 
_atom_sites.fract_transf_matrix[3][1]   0.02427945 
_atom_sites.fract_transf_matrix[3][2]   -0.01409771 
_atom_sites.fract_transf_matrix[3][3]   0.00330999 
_atom_sites.fract_transf_vector[1]      0.008551 
_atom_sites.fract_transf_vector[2]      0.495839 
_atom_sites.fract_transf_vector[3]      0.743152 
# 
loop_
_atom_type.symbol 
C 
N 
O 
# 
loop_
_atom_site.group_PDB 
_atom_site.id 
_atom_site.type_symbol 
_atom_site.label_atom_id 
_atom_site.label_alt_id 
_atom_site.label_comp_id 
_atom_site.label_asym_id 
_atom_site.label_entity_id 
_atom_site.label_seq_id 
_atom_site.pdbx_PDB_ins_code 
_atom_site.Cartn_x 
_atom_site.Cartn_y 
_atom_site.Cartn_z 
_atom_site.occupancy 
_atom_site.B_iso_or_equiv 
_atom_site.pdbx_formal_charge 
_atom_site.auth_seq_id 
_atom_site.auth_comp_id 
_atom_site.auth_asym_id 
_atom_site.auth_atom_id 
_atom_site.pdbx_PDB_model_num 
HETATM 1   C C   . ACE A 1 1  ? -14.839 9.381   20.324  1.00 4.77  ? 0    ACE A C   1 
HETATM 2   O O   . ACE A 1 1  ? -14.267 9.506   19.232  1.00 4.92  ? 0    ACE A O   1 
HETATM 3   C CH3 . ACE A 1 1  ? -15.428 10.523  21.064  1.00 5.71  ? 0    ACE A CH3 1 
ATOM   4   N N   . PHE A 1 2  ? -14.943 8.193   20.921  1.00 4.38  ? 1    PHE A N   1 
ATOM   5   C CA  . PHE A 1 2  ? -14.299 7.049   20.329  1.00 4.16  ? 1    PHE A CA  1 
ATOM   6   C C   . PHE A 1 2  ? -14.929 6.650   19.003  1.00 3.38  ? 1    PHE A C   1 
ATOM   7   O O   . PHE A 1 2  ? -14.245 6.201   18.107  1.00 3.22  ? 1    PHE A O   1 
ATOM   8   C CB  . PHE A 1 2  ? -14.303 5.881   21.329  1.00 4.53  ? 1    PHE A CB  1 
ATOM   9   C CG  . PHE A 1 2  ? -13.467 4.717   20.831  1.00 4.05  ? 1    PHE A CG  1 
ATOM   10  C CD1 . PHE A 1 2  ? -14.019 3.649   20.189  1.00 4.30  ? 1    PHE A CD1 1 
ATOM   11  C CD2 . PHE A 1 2  ? -12.080 4.774   20.985  1.00 5.08  ? 1    PHE A CD2 1 
ATOM   12  C CE1 . PHE A 1 2  ? -13.248 2.627   19.687  1.00 4.90  ? 1    PHE A CE1 1 
ATOM   13  C CE2 . PHE A 1 2  ? -11.301 3.740   20.502  1.00 5.31  ? 1    PHE A CE2 1 
ATOM   14  C CZ  . PHE A 1 2  ? -11.869 2.676   19.848  1.00 4.76  ? 1    PHE A CZ  1 
HETATM 15  N N   . AIB A 1 3  ? -16.267 6.785   18.904  1.00 3.97  ? 2    AIB A N   1 
HETATM 16  C CA  . AIB A 1 3  ? -16.982 6.391   17.678  1.00 4.07  ? 2    AIB A CA  1 
HETATM 17  C C   . AIB A 1 3  ? -16.357 7.159   16.493  1.00 3.37  ? 2    AIB A C   1 
HETATM 18  O O   . AIB A 1 3  ? -16.005 6.582   15.472  1.00 3.50  ? 2    AIB A O   1 
HETATM 19  C CB1 . AIB A 1 3  ? -18.445 6.781   17.812  1.00 5.61  ? 2    AIB A CB1 1 
HETATM 20  C CB2 . AIB A 1 3  ? -16.881 4.893   17.480  1.00 4.85  ? 2    AIB A CB2 1 
HETATM 21  N N   . AIB A 1 4  ? -16.239 8.479   16.656  1.00 3.74  ? 3    AIB A N   1 
HETATM 22  C CA  . AIB A 1 4  ? -15.706 9.361   15.616  1.00 3.80  ? 3    AIB A CA  1 
HETATM 23  C C   . AIB A 1 4  ? -14.278 8.893   15.259  1.00 3.20  ? 3    AIB A C   1 
HETATM 24  O O   . AIB A 1 4  ? -13.905 8.794   14.082  1.00 3.43  ? 3    AIB A O   1 
HETATM 25  C CB1 . AIB A 1 4  ? -15.598 10.766  16.199  1.00 4.72  ? 3    AIB A CB1 1 
HETATM 26  C CB2 . AIB A 1 4  ? -16.586 9.369   14.359  1.00 4.79  ? 3    AIB A CB2 1 
HETATM 27  N N   . AIB A 1 5  ? -13.465 8.638   16.296  1.00 2.85  ? 4    AIB A N   1 
HETATM 28  C CA  . AIB A 1 5  ? -12.072 8.209   16.137  1.00 2.99  ? 4    AIB A CA  1 
HETATM 29  C C   . AIB A 1 5  ? -12.018 6.968   15.218  1.00 2.60  ? 4    AIB A C   1 
HETATM 30  O O   . AIB A 1 5  ? -11.299 6.939   14.205  1.00 3.12  ? 4    AIB A O   1 
HETATM 31  C CB1 . AIB A 1 5  ? -11.526 7.856   17.525  1.00 2.95  ? 4    AIB A CB1 1 
HETATM 32  C CB2 . AIB A 1 5  ? -11.224 9.327   15.538  1.00 3.40  ? 4    AIB A CB2 1 
HETATM 33  N N   . DIV A 1 6  ? -12.762 5.932   15.602  1.00 2.74  ? 5    DIV A N   1 
HETATM 34  C CA  . DIV A 1 6  ? -12.791 4.675   14.848  1.00 2.91  ? 5    DIV A CA  1 
HETATM 35  C CB1 . DIV A 1 6  ? -11.441 3.933   14.958  1.00 3.12  ? 5    DIV A CB1 1 
HETATM 36  C CG1 . DIV A 1 6  ? -11.185 3.339   16.335  1.00 4.11  ? 5    DIV A CG1 1 
HETATM 37  C CB2 . DIV A 1 6  ? -13.917 3.805   15.411  1.00 3.24  ? 5    DIV A CB2 1 
HETATM 38  C C   . DIV A 1 6  ? -13.136 4.979   13.377  1.00 2.90  ? 5    DIV A C   1 
HETATM 39  O O   . DIV A 1 6  ? -12.538 4.475   12.422  1.00 3.36  ? 5    DIV A O   1 
ATOM   40  N N   . GLY A 1 7  ? -14.202 5.765   13.200  1.00 3.12  ? 6    GLY A N   1 
ATOM   41  C CA  . GLY A 1 7  ? -14.736 5.971   11.872  1.00 3.38  ? 6    GLY A CA  1 
ATOM   42  C C   . GLY A 1 7  ? -13.816 6.735   10.952  1.00 3.19  ? 6    GLY A C   1 
ATOM   43  O O   . GLY A 1 7  ? -13.778 6.469   9.738   1.00 4.21  ? 6    GLY A O   1 
ATOM   44  N N   . LEU A 1 8  ? -13.105 7.706   11.475  1.00 3.08  ? 7    LEU A N   1 
ATOM   45  C CA  . LEU A 1 8  ? -12.197 8.503   10.667  1.00 2.92  ? 7    LEU A CA  1 
ATOM   46  C C   . LEU A 1 8  ? -10.893 7.779   10.368  1.00 3.14  ? 7    LEU A C   1 
ATOM   47  O O   . LEU A 1 8  ? -10.343 7.934   9.285   1.00 3.82  ? 7    LEU A O   1 
ATOM   48  C CB  . LEU A 1 8  ? -11.945 9.855   11.334  1.00 3.09  ? 7    LEU A CB  1 
ATOM   49  C CG  . LEU A 1 8  ? -13.184 10.757  11.320  1.00 3.40  ? 7    LEU A CG  1 
ATOM   50  C CD1 . LEU A 1 8  ? -13.029 11.874  12.352  1.00 4.82  ? 7    LEU A CD1 1 
ATOM   51  C CD2 . LEU A 1 8  ? -13.411 11.359  9.952   1.00 4.22  ? 7    LEU A CD2 1 
HETATM 52  N N   . DIV A 1 9  ? -10.388 7.004   11.333  1.00 2.80  ? 8    DIV A N   1 
HETATM 53  C CA  . DIV A 1 9  ? -9.147  6.229   11.141  1.00 2.68  ? 8    DIV A CA  1 
HETATM 54  C CB1 . DIV A 1 9  ? -7.946  7.115   10.805  1.00 3.63  ? 8    DIV A CB1 1 
HETATM 55  C CG1 . DIV A 1 9  ? -7.773  8.295   11.751  1.00 4.38  ? 8    DIV A CG1 1 
HETATM 56  C CB2 . DIV A 1 9  ? -8.901  5.462   12.459  1.00 3.14  ? 8    DIV A CB2 1 
HETATM 57  C C   . DIV A 1 9  ? -9.366  5.158   10.057  1.00 2.84  ? 8    DIV A C   1 
HETATM 58  O O   . DIV A 1 9  ? -8.462  4.869   9.274   1.00 3.19  ? 8    DIV A O   1 
HETATM 59  N N   . AIB A 1 10 ? -10.537 4.517   10.104  1.00 2.98  ? 9    AIB A N   1 
HETATM 60  C CA  . AIB A 1 10 ? -10.727 3.195   9.474   1.00 3.47  ? 9    AIB A CA  1 
HETATM 61  C C   . AIB A 1 10 ? -10.313 3.202   8.004   1.00 3.38  ? 9    AIB A C   1 
HETATM 62  O O   . AIB A 1 10 ? -9.653  2.265   7.534   1.00 3.80  ? 9    AIB A O   1 
HETATM 63  C CB1 . AIB A 1 10 ? -12.193 2.784   9.597   1.00 4.07  ? 9    AIB A CB1 1 
HETATM 64  C CB2 . AIB A 1 10 ? -9.851  2.194   10.242  1.00 3.95  ? 9    AIB A CB2 1 
HETATM 65  N N   . HYP A 1 11 ? -10.722 4.201   7.195   1.00 3.78  ? 10   HYP A N   1 
HETATM 66  C CA  . HYP A 1 11 ? -10.436 4.102   5.755   1.00 4.29  ? 10   HYP A CA  1 
HETATM 67  C C   . HYP A 1 11 ? -8.980  4.161   5.391   1.00 4.02  ? 10   HYP A C   1 
HETATM 68  O O   . HYP A 1 11 ? -8.622  3.906   4.230   1.00 5.11  ? 10   HYP A O   1 
HETATM 69  C CB  A HYP A 1 11 ? -11.172 5.325   5.159   0.86 6.05  ? 10   HYP A CB  1 
HETATM 70  C CB  B HYP A 1 11 ? -11.326 5.055   5.000   0.14 6.65  ? 10   HYP A CB  1 
HETATM 71  C CG  A HYP A 1 11 ? -12.267 5.641   6.185   0.86 6.00  ? 10   HYP A CG  1 
HETATM 72  C CG  B HYP A 1 11 ? -11.663 6.030   6.092   0.14 4.77  ? 10   HYP A CG  1 
HETATM 73  C CD  A HYP A 1 11 ? -11.557 5.398   7.489   0.86 4.26  ? 10   HYP A CD  1 
HETATM 74  C CD  B HYP A 1 11 ? -11.852 5.157   7.337   0.14 4.55  ? 10   HYP A CD  1 
HETATM 75  O OD1 A HYP A 1 11 ? -13.330 4.674   6.031   0.86 8.62  ? 10   HYP A OD1 1 
HETATM 76  O OD1 B HYP A 1 11 ? -12.925 6.620   5.802   0.14 8.97  ? 10   HYP A OD1 1 
ATOM   77  N N   . GLN A 1 12 ? -8.113  4.535   6.334   1.00 3.55  ? 11   GLN A N   1 
ATOM   78  C CA  . GLN A 1 12 ? -6.701  4.599   6.084   1.00 3.81  ? 11   GLN A CA  1 
ATOM   79  C C   . GLN A 1 12 ? -5.950  3.317   6.469   1.00 4.34  ? 11   GLN A C   1 
ATOM   80  O O   . GLN A 1 12 ? -4.737  3.245   6.232   1.00 5.22  ? 11   GLN A O   1 
ATOM   81  C CB  . GLN A 1 12 ? -6.074  5.810   6.768   1.00 4.38  ? 11   GLN A CB  1 
ATOM   82  C CG  . GLN A 1 12 ? -6.585  7.130   6.186   1.00 4.98  ? 11   GLN A CG  1 
ATOM   83  C CD  . GLN A 1 12 ? -6.236  7.337   4.741   1.00 4.42  ? 11   GLN A CD  1 
ATOM   84  O OE1 . GLN A 1 12 ? -7.006  8.096   4.013   1.00 6.61  ? 11   GLN A OE1 1 
ATOM   85  N NE2 . GLN A 1 12 ? -5.209  6.811   4.283   1.00 4.54  ? 11   GLN A NE2 1 
HETATM 86  N N   A DIV A 1 13 ? -6.622  2.258   6.908   0.56 4.17  ? 12   DIV A N   1 
HETATM 87  N N   B DIV A 1 13 ? -6.669  2.399   7.108   0.44 4.34  ? 12   DIV A N   1 
HETATM 88  C CA  A DIV A 1 13 ? -5.920  1.005   7.238   0.56 4.83  ? 12   DIV A CA  1 
HETATM 89  C CA  B DIV A 1 13 ? -6.081  1.111   7.468   0.44 4.33  ? 12   DIV A CA  1 
HETATM 90  C CB1 A DIV A 1 13 ? -4.998  1.226   8.442   0.56 6.64  ? 12   DIV A CB1 1 
HETATM 91  C CB1 B DIV A 1 13 ? -5.049  1.313   8.583   0.44 4.16  ? 12   DIV A CB1 1 
HETATM 92  C CG1 A DIV A 1 13 ? -5.757  1.727   9.677   0.56 9.57  ? 12   DIV A CG1 1 
HETATM 93  C CG1 B DIV A 1 13 ? -5.648  1.924   9.858   0.44 5.06  ? 12   DIV A CG1 1 
HETATM 94  C CB2 A DIV A 1 13 ? -7.013  -0.050  7.604   0.56 5.44  ? 12   DIV A CB2 1 
HETATM 95  C CB2 B DIV A 1 13 ? -7.193  0.130   7.930   0.44 4.49  ? 12   DIV A CB2 1 
HETATM 96  C C   A DIV A 1 13 ? -5.098  0.454   6.095   0.56 4.08  ? 12   DIV A C   1 
HETATM 97  C C   B DIV A 1 13 ? -5.380  0.472   6.271   0.44 5.02  ? 12   DIV A C   1 
HETATM 98  O O   A DIV A 1 13 ? -4.003  -0.080  6.318   0.56 4.82  ? 12   DIV A O   1 
HETATM 99  O O   B DIV A 1 13 ? -4.360  -0.238  6.443   0.44 4.58  ? 12   DIV A O   1 
HETATM 100 N N   A HYP A 1 14 ? -5.467  0.690   4.804   0.56 4.15  ? 13   HYP A N   1 
HETATM 101 N N   B HYP A 1 14 ? -5.880  0.577   5.027   0.44 3.71  ? 13   HYP A N   1 
HETATM 102 C CA  A HYP A 1 14 ? -4.615  0.227   3.723   0.56 4.10  ? 13   HYP A CA  1 
HETATM 103 C CA  B HYP A 1 14 ? -5.176  -0.072  3.919   0.44 3.85  ? 13   HYP A CA  1 
HETATM 104 C C   A HYP A 1 14 ? -3.309  0.918   3.543   0.56 4.14  ? 13   HYP A C   1 
HETATM 105 C C   B HYP A 1 14 ? -3.843  0.525   3.599   0.44 3.72  ? 13   HYP A C   1 
HETATM 106 O O   A HYP A 1 14 ? -2.479  0.411   2.726   0.56 4.90  ? 13   HYP A O   1 
HETATM 107 O O   B HYP A 1 14 ? -3.083  -0.051  2.771   0.44 3.82  ? 13   HYP A O   1 
HETATM 108 C CB  A HYP A 1 14 ? -5.432  0.412   2.434   0.56 4.90  ? 13   HYP A CB  1 
HETATM 109 C CB  B HYP A 1 14 ? -6.108  0.146   2.715   0.44 4.01  ? 13   HYP A CB  1 
HETATM 110 C CG  A HYP A 1 14 ? -6.856  0.191   2.948   0.56 4.75  ? 13   HYP A CG  1 
HETATM 111 C CG  B HYP A 1 14 ? -7.492  0.249   3.345   0.44 4.35  ? 13   HYP A CG  1 
HETATM 112 C CD  A HYP A 1 14 ? -6.830  0.915   4.273   0.56 4.37  ? 13   HYP A CD  1 
HETATM 113 C CD  B HYP A 1 14 ? -7.218  1.019   4.572   0.44 3.62  ? 13   HYP A CD  1 
HETATM 114 O OD1 A HYP A 1 14 ? -6.950  -1.222  3.108   0.56 5.84  ? 13   HYP A OD1 1 
HETATM 115 O OD1 B HYP A 1 14 ? -7.865  -1.100  3.640   0.44 4.46  ? 13   HYP A OD1 1 
HETATM 116 N N   A AIB A 1 15 ? -3.065  2.038   4.187   0.56 4.94  ? 14   AIB A N   1 
HETATM 117 N N   B AIB A 1 15 ? -3.509  1.712   4.076   0.44 3.97  ? 14   AIB A N   1 
HETATM 118 C CA  A AIB A 1 15 ? -1.980  2.948   3.722   0.56 5.70  ? 14   AIB A CA  1 
HETATM 119 C CA  B AIB A 1 15 ? -2.456  2.557   3.527   0.44 4.17  ? 14   AIB A CA  1 
HETATM 120 C C   A AIB A 1 15 ? -0.619  2.249   3.610   0.56 4.48  ? 14   AIB A C   1 
HETATM 121 C C   B AIB A 1 15 ? -1.082  1.880   3.359   0.44 3.15  ? 14   AIB A C   1 
HETATM 122 O O   A AIB A 1 15 ? 0.104   2.550   2.627   0.56 6.15  ? 14   AIB A O   1 
HETATM 123 O O   B AIB A 1 15 ? -0.441  2.192   2.339   0.44 3.78  ? 14   AIB A O   1 
HETATM 124 C CB1 A AIB A 1 15 ? -1.788  4.076   4.741   0.56 7.17  ? 14   AIB A CB1 1 
HETATM 125 C CB1 B AIB A 1 15 ? -2.982  3.036   2.134   0.44 5.31  ? 14   AIB A CB1 1 
HETATM 126 C CB2 A AIB A 1 15 ? -2.361  3.525   2.323   0.56 7.35  ? 14   AIB A CB2 1 
HETATM 127 C CB2 B AIB A 1 15 ? -2.161  3.719   4.491   0.44 5.45  ? 14   AIB A CB2 1 
ATOM   128 N N   A PRO A 1 16 ? -0.273  1.254   4.429   0.56 5.60  ? 15   PRO A N   1 
ATOM   129 N N   B PRO A 1 16 ? -0.443  1.213   4.345   0.44 5.07  ? 15   PRO A N   1 
ATOM   130 C CA  A PRO A 1 16 ? 0.977   0.557   4.069   0.56 5.22  ? 15   PRO A CA  1 
ATOM   131 C CA  B PRO A 1 16 ? 1.001   0.842   4.306   0.44 5.04  ? 15   PRO A CA  1 
ATOM   132 C C   A PRO A 1 16 ? 0.835   -0.653  3.173   0.56 4.25  ? 15   PRO A C   1 
ATOM   133 C C   B PRO A 1 16 ? 1.339   -0.396  3.499   0.44 4.21  ? 15   PRO A C   1 
ATOM   134 O O   A PRO A 1 16 ? 1.933   -1.188  2.904   0.56 5.31  ? 15   PRO A O   1 
ATOM   135 O O   B PRO A 1 16 ? 2.450   -0.911  3.494   0.44 5.81  ? 15   PRO A O   1 
ATOM   136 C CB  A PRO A 1 16 ? 1.487   0.178   5.469   0.56 5.38  ? 15   PRO A CB  1 
ATOM   137 C CB  B PRO A 1 16 ? 1.342   0.522   5.782   0.44 5.21  ? 15   PRO A CB  1 
ATOM   138 C CG  A PRO A 1 16 ? 0.215   -0.244  6.175   0.56 5.85  ? 15   PRO A CG  1 
ATOM   139 C CG  B PRO A 1 16 ? 0.042   -0.116  6.226   0.44 5.39  ? 15   PRO A CG  1 
ATOM   140 C CD  A PRO A 1 16 ? -0.826  0.749   5.696   0.56 5.79  ? 15   PRO A CD  1 
ATOM   141 C CD  B PRO A 1 16 ? -1.054  0.760   5.625   0.44 5.53  ? 15   PRO A CD  1 
HETATM 142 N N   A PHL A 1 17 ? -0.322  -1.071  2.756   0.56 4.48  ? 16   PHL A N   1 
HETATM 143 N N   B PHL A 1 17 ? 0.294   -0.896  2.901   0.44 4.31  ? 16   PHL A N   1 
HETATM 144 C CA  A PHL A 1 17 ? -0.462  -2.305  1.977   0.56 5.96  ? 16   PHL A CA  1 
HETATM 145 C CA  B PHL A 1 17 ? 0.336   -2.176  2.206   0.44 4.44  ? 16   PHL A CA  1 
HETATM 146 C C   A PHL A 1 17 ? -0.644  -2.018  0.472   0.56 8.27  ? 16   PHL A C   1 
HETATM 147 C C   B PHL A 1 17 ? 0.549   -1.960  0.707   0.44 5.39  ? 16   PHL A C   1 
HETATM 148 O O   A PHL A 1 17 ? 0.459   -1.340  -0.067  0.56 7.12  ? 16   PHL A O   1 
HETATM 149 O O   B PHL A 1 17 ? 1.711   -1.239  0.379   0.44 6.32  ? 16   PHL A O   1 
HETATM 150 C CB  A PHL A 1 17 ? -1.619  -3.097  2.558   0.56 6.16  ? 16   PHL A CB  1 
HETATM 151 C CB  B PHL A 1 17 ? -0.894  -3.026  2.520   0.44 4.70  ? 16   PHL A CB  1 
HETATM 152 C CG  A PHL A 1 17 ? -1.555  -3.439  4.028   0.56 5.12  ? 16   PHL A CG  1 
HETATM 153 C CG  B PHL A 1 17 ? -1.101  -3.341  3.978   0.44 3.24  ? 16   PHL A CG  1 
HETATM 154 C CD1 A PHL A 1 17 ? -0.655  -4.367  4.463   0.56 5.96  ? 16   PHL A CD1 1 
HETATM 155 C CD1 B PHL A 1 17 ? -0.406  -4.322  4.644   0.44 3.44  ? 16   PHL A CD1 1 
HETATM 156 C CD2 A PHL A 1 17 ? -2.432  -2.906  4.952   0.56 5.91  ? 16   PHL A CD2 1 
HETATM 157 C CD2 B PHL A 1 17 ? -1.964  -2.596  4.746   0.44 4.14  ? 16   PHL A CD2 1 
HETATM 158 C CE1 A PHL A 1 17 ? -0.557  -4.760  5.775   0.56 6.70  ? 16   PHL A CE1 1 
HETATM 159 C CE1 B PHL A 1 17 ? -0.586  -4.576  5.984   0.44 4.17  ? 16   PHL A CE1 1 
HETATM 160 C CE2 A PHL A 1 17 ? -2.258  -3.177  6.315   0.56 5.93  ? 16   PHL A CE2 1 
HETATM 161 C CE2 B PHL A 1 17 ? -2.260  -2.908  6.058   0.44 5.00  ? 16   PHL A CE2 1 
HETATM 162 C CZ  A PHL A 1 17 ? -1.331  -4.104  6.705   0.56 4.44  ? 16   PHL A CZ  1 
HETATM 163 C CZ  B PHL A 1 17 ? -1.544  -3.877  6.706   0.44 5.18  ? 16   PHL A CZ  1 
HETATM 164 C C   A ACE B 1 1  ? 2.946   0.872   -0.179  0.50 4.94  ? 0    ACE B C   1 
HETATM 165 C C   B ACE B 1 1  ? 4.704   -0.103  -0.354  0.50 12.12 ? 0    ACE B C   1 
HETATM 166 O O   A ACE B 1 1  ? 3.417   1.225   -1.257  0.50 6.28  ? 0    ACE B O   1 
HETATM 167 O O   B ACE B 1 1  ? 5.092   0.296   -1.474  0.50 12.89 ? 0    ACE B O   1 
HETATM 168 C CH3 A ACE B 1 1  ? 1.824   1.425   0.613   0.50 9.57  ? 0    ACE B CH3 1 
HETATM 169 C CH3 B ACE B 1 1  ? 3.897   0.807   0.548   0.50 23.74 ? 0    ACE B CH3 1 
ATOM   170 N N   A PHE B 1 2  ? 3.414   -0.233  0.455   0.50 4.61  ? 1    PHE B N   1 
ATOM   171 N N   B PHE B 1 2  ? 4.700   -1.324  0.079   0.50 10.19 ? 1    PHE B N   1 
ATOM   172 C CA  A PHE B 1 2  ? 4.552   -0.978  -0.088  0.50 4.33  ? 1    PHE B CA  1 
ATOM   173 C CA  B PHE B 1 2  ? 5.327   -2.269  -0.851  0.50 6.50  ? 1    PHE B CA  1 
ATOM   174 C C   A PHE B 1 2  ? 4.149   -1.657  -1.395  0.50 3.48  ? 1    PHE B C   1 
ATOM   175 C C   B PHE B 1 2  ? 4.455   -2.420  -2.097  0.50 4.73  ? 1    PHE B C   1 
ATOM   176 O O   A PHE B 1 2  ? 5.081   -1.900  -2.159  0.50 4.15  ? 1    PHE B O   1 
ATOM   177 O O   B PHE B 1 2  ? 4.967   -2.941  -3.071  0.50 5.36  ? 1    PHE B O   1 
ATOM   178 C CB  A PHE B 1 2  ? 5.064   -1.938  0.963   0.50 5.57  ? 1    PHE B CB  1 
ATOM   179 C CB  B PHE B 1 2  ? 5.498   -3.549  -0.039  0.50 7.12  ? 1    PHE B CB  1 
ATOM   180 C CG  A PHE B 1 2  ? 5.586   -1.197  2.194   0.50 4.87  ? 1    PHE B CG  1 
ATOM   181 C CG  B PHE B 1 2  ? 4.281   -4.214  0.470   0.50 5.74  ? 1    PHE B CG  1 
ATOM   182 C CD1 A PHE B 1 2  ? 5.021   -1.348  3.417   0.50 4.11  ? 1    PHE B CD1 1 
ATOM   183 C CD1 B PHE B 1 2  ? 3.465   -4.964  -0.386  0.50 6.80  ? 1    PHE B CD1 1 
ATOM   184 C CD2 A PHE B 1 2  ? 6.663   -0.342  2.100   0.50 5.45  ? 1    PHE B CD2 1 
ATOM   185 C CD2 B PHE B 1 2  ? 3.886   -4.077  1.774   0.50 5.56  ? 1    PHE B CD2 1 
ATOM   186 C CE1 A PHE B 1 2  ? 5.414   -0.672  4.589   0.50 5.28  ? 1    PHE B CE1 1 
ATOM   187 C CE1 B PHE B 1 2  ? 2.354   -5.542  0.085   0.50 6.92  ? 1    PHE B CE1 1 
ATOM   188 C CE2 A PHE B 1 2  ? 7.097   0.315   3.224   0.50 5.11  ? 1    PHE B CE2 1 
ATOM   189 C CE2 B PHE B 1 2  ? 2.806   -4.709  2.357   0.50 6.65  ? 1    PHE B CE2 1 
ATOM   190 C CZ  A PHE B 1 2  ? 6.567   0.174   4.452   0.50 4.46  ? 1    PHE B CZ  1 
ATOM   191 C CZ  B PHE B 1 2  ? 2.043   -5.371  1.386   0.50 6.52  ? 1    PHE B CZ  1 
HETATM 192 N N   A AIB B 1 3  ? 2.855   -1.839  -1.698  0.50 3.68  ? 2    AIB B N   1 
HETATM 193 N N   B AIB B 1 3  ? 3.146   -2.120  -1.989  0.50 4.77  ? 2    AIB B N   1 
HETATM 194 C CA  A AIB B 1 3  ? 2.485   -2.448  -2.983  0.50 4.69  ? 2    AIB B CA  1 
HETATM 195 C CA  B AIB B 1 3  ? 2.269   -2.272  -3.154  0.50 4.63  ? 2    AIB B CA  1 
HETATM 196 C C   A AIB B 1 3  ? 3.143   -1.682  -4.149  0.50 4.52  ? 2    AIB B C   1 
HETATM 197 C C   B AIB B 1 3  ? 2.913   -1.532  -4.335  0.50 4.06  ? 2    AIB B C   1 
HETATM 198 O O   A AIB B 1 3  ? 3.585   -2.340  -5.107  0.50 4.03  ? 2    AIB B O   1 
HETATM 199 O O   B AIB B 1 3  ? 3.191   -2.047  -5.413  0.50 3.44  ? 2    AIB B O   1 
HETATM 200 C CB1 A AIB B 1 3  ? 0.974   -2.326  -3.186  0.50 4.88  ? 2    AIB B CB1 1 
HETATM 201 C CB1 B AIB B 1 3  ? 2.097   -3.723  -3.565  0.50 6.44  ? 2    AIB B CB1 1 
HETATM 202 C CB2 A AIB B 1 3  ? 2.853   -3.956  -3.011  0.50 4.25  ? 2    AIB B CB2 1 
HETATM 203 C CB2 B AIB B 1 3  ? 0.917   -1.598  -2.882  0.50 7.05  ? 2    AIB B CB2 1 
HETATM 204 N N   A AIB B 1 4  ? 3.196   -0.343  -4.122  0.50 4.39  ? 3    AIB B N   1 
HETATM 205 N N   B AIB B 1 4  ? 3.105   -0.237  -4.098  0.50 4.91  ? 3    AIB B N   1 
HETATM 206 C CA  . AIB B 1 4  ? 3.689   0.563   -5.158  1.00 4.64  ? 3    AIB B CA  1 
HETATM 207 C C   . AIB B 1 4  ? 5.062   0.065   -5.595  1.00 3.90  ? 3    AIB B C   1 
HETATM 208 O O   . AIB B 1 4  ? 5.396   0.059   -6.781  1.00 4.14  ? 3    AIB B O   1 
HETATM 209 C CB1 . AIB B 1 4  ? 3.879   1.988   -4.595  1.00 5.46  ? 3    AIB B CB1 1 
HETATM 210 C CB2 . AIB B 1 4  ? 2.735   0.628   -6.365  1.00 6.00  ? 3    AIB B CB2 1 
HETATM 211 N N   . AIB B 1 5  ? 5.914   -0.298  -4.626  1.00 3.71  ? 4    AIB B N   1 
HETATM 212 C CA  . AIB B 1 5  ? 7.282   -0.733  -4.895  1.00 3.66  ? 4    AIB B CA  1 
HETATM 213 C C   . AIB B 1 5  ? 7.253   -1.878  -5.912  1.00 3.24  ? 4    AIB B C   1 
HETATM 214 O O   . AIB B 1 5  ? 7.910   -1.844  -6.950  1.00 3.66  ? 4    AIB B O   1 
HETATM 215 C CB1 . AIB B 1 5  ? 7.904   -1.232  -3.573  1.00 4.48  ? 4    AIB B CB1 1 
HETATM 216 C CB2 . AIB B 1 5  ? 8.108   0.430   -5.439  1.00 4.74  ? 4    AIB B CB2 1 
HETATM 217 N N   . DIV B 1 6  ? 6.491   -2.918  -5.563  1.00 3.47  ? 5    DIV B N   1 
HETATM 218 C CA  . DIV B 1 6  ? 6.400   -4.134  -6.379  1.00 3.45  ? 5    DIV B CA  1 
HETATM 219 C CB1 . DIV B 1 6  ? 7.732   -4.863  -6.436  1.00 4.09  ? 5    DIV B CB1 1 
HETATM 220 C CG1 . DIV B 1 6  ? 8.256   -5.354  -5.092  1.00 6.29  ? 5    DIV B CG1 1 
HETATM 221 C CB2 . DIV B 1 6  ? 5.314   -5.029  -5.768  1.00 4.14  ? 5    DIV B CB2 1 
HETATM 222 C C   . DIV B 1 6  ? 5.924   -3.746  -7.779  1.00 3.08  ? 5    DIV B C   1 
HETATM 223 O O   . DIV B 1 6  ? 6.439   -4.186  -8.809  1.00 3.46  ? 5    DIV B O   1 
ATOM   224 N N   . GLY B 1 7  ? 4.854   -2.930  -7.828  1.00 3.32  ? 6    GLY B N   1 
ATOM   225 C CA  . GLY B 1 7  ? 4.234   -2.644  -9.104  1.00 3.44  ? 6    GLY B CA  1 
ATOM   226 C C   . GLY B 1 7  ? 5.081   -1.793  -10.033 1.00 3.26  ? 6    GLY B C   1 
ATOM   227 O O   . GLY B 1 7  ? 5.005   -1.967  -11.265 1.00 3.97  ? 6    GLY B O   1 
ATOM   228 N N   . LEU B 1 8  ? 5.851   -0.878  -9.475  1.00 3.07  ? 7    LEU B N   1 
ATOM   229 C CA  . LEU B 1 8  ? 6.712   -0.026  -10.291 1.00 3.12  ? 7    LEU B CA  1 
ATOM   230 C C   . LEU B 1 8  ? 7.969   -0.754  -10.749 1.00 3.24  ? 7    LEU B C   1 
ATOM   231 O O   . LEU B 1 8  ? 8.443   -0.524  -11.855 1.00 4.20  ? 7    LEU B O   1 
ATOM   232 C CB  . LEU B 1 8  ? 7.042   1.263   -9.528  1.00 3.33  ? 7    LEU B CB  1 
ATOM   233 C CG  . LEU B 1 8  ? 5.842   2.213   -9.379  1.00 3.45  ? 7    LEU B CG  1 
ATOM   234 C CD1 . LEU B 1 8  ? 6.128   3.274   -8.338  1.00 4.11  ? 7    LEU B CD1 1 
ATOM   235 C CD2 . LEU B 1 8  ? 5.501   2.848   -10.734 1.00 4.33  ? 7    LEU B CD2 1 
HETATM 236 N N   . DIV B 1 9  ? 8.531   -1.606  -9.882  1.00 2.98  ? 8    DIV B N   1 
HETATM 237 C CA  . DIV B 1 9  ? 9.735   -2.375  -10.231 1.00 3.21  ? 8    DIV B CA  1 
HETATM 238 C CB1 . DIV B 1 9  ? 10.907  -1.470  -10.636 1.00 3.86  ? 8    DIV B CB1 1 
HETATM 239 C CG1 . DIV B 1 9  ? 11.129  -0.303  -9.676  1.00 4.85  ? 8    DIV B CG1 1 
HETATM 240 C CB2 . DIV B 1 9  ? 10.124  -3.209  -8.998  1.00 3.82  ? 8    DIV B CB2 1 
HETATM 241 C C   . DIV B 1 9  ? 9.421   -3.395  -11.334 1.00 3.04  ? 8    DIV B C   1 
HETATM 242 O O   . DIV B 1 9  ? 10.262  -3.712  -12.173 1.00 3.25  ? 8    DIV B O   1 
HETATM 243 N N   . AIB B 1 10 ? 8.215   -4.006  -11.238 1.00 3.31  ? 9    AIB B N   1 
HETATM 244 C CA  . AIB B 1 10 ? 7.961   -5.306  -11.874 1.00 3.28  ? 9    AIB B CA  1 
HETATM 245 C C   . AIB B 1 10 ? 8.318   -5.304  -13.358 1.00 2.94  ? 9    AIB B C   1 
HETATM 246 O O   . AIB B 1 10 ? 8.906   -6.268  -13.853 1.00 3.27  ? 9    AIB B O   1 
HETATM 247 C CB1 . AIB B 1 10 ? 6.472   -5.665  -11.702 1.00 4.26  ? 9    AIB B CB1 1 
HETATM 248 C CB2 . AIB B 1 10 ? 8.822   -6.353  -11.145 1.00 3.91  ? 9    AIB B CB2 1 
HETATM 249 N N   . HYP B 1 11 ? 7.924   -4.285  -14.145 1.00 3.47  ? 10   HYP B N   1 
HETATM 250 C CA  . HYP B 1 11 ? 8.156   -4.376  -15.595 1.00 3.93  ? 10   HYP B CA  1 
HETATM 251 C C   . HYP B 1 11 ? 9.614   -4.365  -16.006 1.00 3.63  ? 10   HYP B C   1 
HETATM 252 O O   . HYP B 1 11 ? 9.914   -4.654  -17.166 1.00 5.10  ? 10   HYP B O   1 
HETATM 253 C CB  . HYP B 1 11 ? 7.424   -3.151  -16.153 1.00 5.42  ? 10   HYP B CB  1 
HETATM 254 C CG  . HYP B 1 11 ? 6.410   -2.779  -15.071 1.00 5.35  ? 10   HYP B CG  1 
HETATM 255 C CD  . HYP B 1 11 ? 7.153   -3.060  -13.813 1.00 4.10  ? 10   HYP B CD  1 
HETATM 256 O OD1 . HYP B 1 11 ? 5.277   -3.669  -15.163 1.00 5.81  ? 10   HYP B OD1 1 
ATOM   257 N N   . GLN B 1 12 ? 10.500  -4.029  -15.068 1.00 3.22  ? 11   GLN B N   1 
ATOM   258 C CA  . GLN B 1 12 ? 11.937  -4.020  -15.314 1.00 3.09  ? 11   GLN B CA  1 
ATOM   259 C C   . GLN B 1 12 ? 12.625  -5.321  -14.923 1.00 3.01  ? 11   GLN B C   1 
ATOM   260 O O   . GLN B 1 12 ? 13.838  -5.442  -15.158 1.00 3.61  ? 11   GLN B O   1 
ATOM   261 C CB  . GLN B 1 12 ? 12.599  -2.821  -14.635 1.00 3.82  ? 11   GLN B CB  1 
ATOM   262 C CG  . GLN B 1 12 ? 12.063  -1.500  -15.147 1.00 4.39  ? 11   GLN B CG  1 
ATOM   263 C CD  . GLN B 1 12 ? 12.348  -1.242  -16.605 1.00 4.46  ? 11   GLN B CD  1 
ATOM   264 O OE1 . GLN B 1 12 ? 11.544  -0.409  -17.227 1.00 7.34  ? 11   GLN B OE1 1 
ATOM   265 N NE2 . GLN B 1 12 ? 13.318  -1.807  -17.150 1.00 4.25  ? 11   GLN B NE2 1 
HETATM 266 N N   . DIV B 1 13 ? 11.906  -6.292  -14.355 1.00 3.22  ? 12   DIV B N   1 
HETATM 267 C CA  . DIV B 1 13 ? 12.483  -7.589  -13.990 1.00 3.26  ? 12   DIV B CA  1 
HETATM 268 C CB1 . DIV B 1 13 ? 13.474  -7.415  -12.839 1.00 3.60  ? 12   DIV B CB1 1 
HETATM 269 C CG1 . DIV B 1 13 ? 12.847  -6.839  -11.555 1.00 4.62  ? 12   DIV B CG1 1 
HETATM 270 C CB2 . DIV B 1 13 ? 11.358  -8.570  -13.615 1.00 3.83  ? 12   DIV B CB2 1 
HETATM 271 C C   . DIV B 1 13 ? 13.236  -8.188  -15.193 1.00 3.28  ? 12   DIV B C   1 
HETATM 272 O O   . DIV B 1 13 ? 14.288  -8.831  -15.027 1.00 3.88  ? 12   DIV B O   1 
HETATM 273 N N   . HYP B 1 14 ? 12.771  -8.006  -16.458 1.00 3.37  ? 13   HYP B N   1 
HETATM 274 C CA  . HYP B 1 14 ? 13.483  -8.604  -17.558 1.00 4.34  ? 13   HYP B CA  1 
HETATM 275 C C   . HYP B 1 14 ? 14.846  -8.006  -17.838 1.00 4.32  ? 13   HYP B C   1 
HETATM 276 O O   . HYP B 1 14 ? 15.554  -8.603  -18.689 1.00 5.04  ? 13   HYP B O   1 
HETATM 277 C CB  . HYP B 1 14 ? 12.533  -8.392  -18.747 1.00 5.54  ? 13   HYP B CB  1 
HETATM 278 C CG  . HYP B 1 14 ? 11.156  -8.390  -18.117 1.00 5.47  ? 13   HYP B CG  1 
HETATM 279 C CD  . HYP B 1 14 ? 11.407  -7.596  -16.890 1.00 4.02  ? 13   HYP B CD  1 
HETATM 280 O OD1 . HYP B 1 14 ? 10.793  -9.717  -17.767 1.00 8.19  ? 13   HYP B OD1 1 
HETATM 281 N N   . AIB B 1 15 ? 15.215  -6.875  -17.283 1.00 3.95  ? 14   AIB B N   1 
HETATM 282 C CA  . AIB B 1 15 ? 16.330  -6.063  -17.770 1.00 4.81  ? 14   AIB B CA  1 
HETATM 283 C C   . AIB B 1 15 ? 17.608  -6.891  -18.015 1.00 4.04  ? 14   AIB B C   1 
HETATM 284 O O   . AIB B 1 15 ? 18.243  -6.757  -19.069 1.00 4.50  ? 14   AIB B O   1 
HETATM 285 C CB1 . AIB B 1 15 ? 16.654  -4.979  -16.736 1.00 6.15  ? 14   AIB B CB1 1 
HETATM 286 C CB2 . AIB B 1 15 ? 15.884  -5.438  -19.097 1.00 6.78  ? 14   AIB B CB2 1 
ATOM   287 N N   . PRO B 1 16 ? 18.100  -7.718  -17.058 1.00 3.63  ? 15   PRO B N   1 
ATOM   288 C CA  . PRO B 1 16 ? 19.371  -8.403  -17.320 1.00 4.06  ? 15   PRO B CA  1 
ATOM   289 C C   . PRO B 1 16 ? 19.260  -9.606  -18.243 1.00 3.59  ? 15   PRO B C   1 
ATOM   290 O O   . PRO B 1 16 ? 20.300  -10.157 -18.645 1.00 4.28  ? 15   PRO B O   1 
ATOM   291 C CB  . PRO B 1 16 ? 19.800  -8.896  -15.913 1.00 4.67  ? 15   PRO B CB  1 
ATOM   292 C CG  . PRO B 1 16 ? 18.484  -9.204  -15.246 1.00 4.91  ? 15   PRO B CG  1 
ATOM   293 C CD  . PRO B 1 16 ? 17.605  -8.024  -15.696 1.00 4.78  ? 15   PRO B CD  1 
HETATM 294 N N   . PHL B 1 17 ? 18.048  -10.054 -18.493 1.00 4.06  ? 16   PHL B N   1 
HETATM 295 C CA  . PHL B 1 17 ? 17.765  -11.305 -19.204 1.00 4.53  ? 16   PHL B CA  1 
HETATM 296 C C   . PHL B 1 17 ? 17.605  -11.024 -20.669 1.00 6.73  ? 16   PHL B C   1 
HETATM 297 O O   A PHL B 1 17 ? 17.527  -12.253 -21.353 0.55 4.76  ? 16   PHL B O   1 
HETATM 298 O O   B PHL B 1 17 ? 18.489  -10.313 -21.391 0.45 4.63  ? 16   PHL B O   1 
HETATM 299 C CB  . PHL B 1 17 ? 16.496  -11.943 -18.620 1.00 4.01  ? 16   PHL B CB  1 
HETATM 300 C CG  . PHL B 1 17 ? 16.578  -12.299 -17.168 1.00 3.80  ? 16   PHL B CG  1 
HETATM 301 C CD1 . PHL B 1 17 ? 15.887  -11.586 -16.210 1.00 4.65  ? 16   PHL B CD1 1 
HETATM 302 C CD2 . PHL B 1 17 ? 17.366  -13.367 -16.747 1.00 4.59  ? 16   PHL B CD2 1 
HETATM 303 C CE1 . PHL B 1 17 ? 15.937  -11.920 -14.861 1.00 5.12  ? 16   PHL B CE1 1 
HETATM 304 C CE2 . PHL B 1 17 ? 17.408  -13.708 -15.394 1.00 5.52  ? 16   PHL B CE2 1 
HETATM 305 C CZ  . PHL B 1 17 ? 16.700  -12.988 -14.451 1.00 5.87  ? 16   PHL B CZ  1 
HETATM 306 C C1  . EOH C 2 .  ? -15.422 5.725   7.567   1.00 33.73 ? 29   EOH A C1  1 
HETATM 307 C C2  . EOH C 2 .  ? -15.905 5.821   6.193   1.00 14.39 ? 29   EOH A C2  1 
HETATM 308 O O   . EOH C 2 .  ? -15.724 4.788   8.621   1.00 9.68  ? 29   EOH A O   1 
HETATM 309 C C   . ACT D 3 .  ? 23.416  -10.230 -17.414 1.00 12.93 ? 29   ACT B C   1 
HETATM 310 O O   . ACT D 3 .  ? 22.854  -9.289  -18.274 1.00 7.01  ? 29   ACT B O   1 
HETATM 311 O OXT . ACT D 3 .  ? 23.053  -11.404 -17.192 1.00 29.45 ? 29   ACT B OXT 1 
HETATM 312 C CH3 . ACT D 3 .  ? 24.235  -9.534  -16.446 1.00 19.43 ? 29   ACT B CH3 1 
HETATM 313 C C1  . EOH E 2 .  ? 25.712  -7.781  -19.722 1.00 13.45 ? 30   EOH B C1  1 
HETATM 314 C C2  . EOH E 2 .  ? 24.257  -7.546  -19.915 1.00 6.16  ? 30   EOH B C2  1 
HETATM 315 O O   . EOH E 2 .  ? 25.758  -9.111  -20.328 1.00 35.09 ? 30   EOH B O   1 
HETATM 316 O O   . HOH F 4 .  ? -11.008 9.706   7.306   1.00 7.64  ? 2001 HOH A O   1 
HETATM 317 O O   . HOH F 4 .  ? 5.893   -0.173  4.549   0.50 20.99 ? 2002 HOH A O   1 
HETATM 318 O O   . HOH F 4 .  ? -10.534 1.897   2.806   0.50 10.13 ? 2003 HOH A O   1 
HETATM 319 O O   A HOH F 4 .  ? -6.675  3.730   2.270   0.50 4.01  ? 2004 HOH A O   1 
HETATM 320 O O   . HOH F 4 .  ? -13.869 1.983   6.410   1.00 9.78  ? 2005 HOH A O   1 
HETATM 321 O O   B HOH F 4 .  ? -14.419 8.318   7.432   0.50 18.72 ? 2006 HOH A O   1 
HETATM 322 O O   . HOH F 4 .  ? -12.996 9.020   5.150   0.50 15.35 ? 2007 HOH A O   1 
HETATM 323 O O   A HOH F 4 .  ? -9.543  -1.879  3.284   0.50 3.92  ? 2008 HOH A O   1 
HETATM 324 O O   . HOH F 4 .  ? -2.735  0.003   0.325   0.50 37.60 ? 2009 HOH A O   1 
HETATM 325 O O   A HOH F 4 .  ? -3.572  -0.829  0.269   0.50 30.63 ? 2010 HOH A O   1 
HETATM 326 O O   A HOH F 4 .  ? -0.345  4.609   0.750   0.50 7.13  ? 2011 HOH A O   1 
HETATM 327 O O   B HOH F 4 .  ? 0.974   1.423   0.269   0.50 17.21 ? 2012 HOH A O   1 
HETATM 328 O O   . HOH F 4 .  ? 4.982   -1.232  2.794   0.50 11.90 ? 2013 HOH A O   1 
HETATM 329 O O   A HOH F 4 .  ? 2.751   -4.826  2.008   0.50 22.45 ? 2014 HOH A O   1 
HETATM 330 O O   A HOH G 4 .  ? 2.305   4.163   -2.575  0.50 56.93 ? 2001 HOH B O   1 
HETATM 331 O O   A HOH G 4 .  ? 1.540   2.014   -2.305  0.50 20.76 ? 2002 HOH B O   1 
HETATM 332 O O   . HOH G 4 .  ? 3.202   -3.578  -12.582 1.00 10.67 ? 2003 HOH B O   1 
HETATM 333 O O   A HOH G 4 .  ? 5.213   0.250   -13.379 0.50 3.01  ? 2004 HOH B O   1 
HETATM 334 O O   . HOH G 4 .  ? 7.709   1.401   -13.666 1.00 5.84  ? 2005 HOH B O   1 
HETATM 335 O O   . HOH G 4 .  ? 3.591   -2.129  -16.605 1.00 5.82  ? 2006 HOH B O   1 
HETATM 336 O O   . HOH G 4 .  ? 4.659   -6.480  -14.720 1.00 7.86  ? 2007 HOH B O   1 
HETATM 337 O O   . HOH G 4 .  ? 12.265  0.775   -19.822 1.00 18.00 ? 2008 HOH B O   1 
HETATM 338 O O   . HOH G 4 .  ? 14.507  -9.650  -21.072 1.00 11.39 ? 2009 HOH B O   1 
HETATM 339 O O   . HOH G 4 .  ? 18.434  -8.366  -23.498 1.00 7.12  ? 2010 HOH B O   1 
HETATM 340 O O   A HOH G 4 .  ? 19.058  -14.352 -21.182 0.50 3.62  ? 2011 HOH B O   1 
HETATM 341 O O   A HOH G 4 .  ? 14.875  -12.246 -21.746 0.50 4.05  ? 2012 HOH B O   1 
# 
loop_
_atom_site_anisotrop.id 
_atom_site_anisotrop.type_symbol 
_atom_site_anisotrop.pdbx_label_atom_id 
_atom_site_anisotrop.pdbx_label_alt_id 
_atom_site_anisotrop.pdbx_label_comp_id 
_atom_site_anisotrop.pdbx_label_asym_id 
_atom_site_anisotrop.pdbx_label_seq_id 
_atom_site_anisotrop.pdbx_PDB_ins_code 
_atom_site_anisotrop.U[1][1] 
_atom_site_anisotrop.U[2][2] 
_atom_site_anisotrop.U[3][3] 
_atom_site_anisotrop.U[1][2] 
_atom_site_anisotrop.U[1][3] 
_atom_site_anisotrop.U[2][3] 
_atom_site_anisotrop.pdbx_auth_seq_id 
_atom_site_anisotrop.pdbx_auth_comp_id 
_atom_site_anisotrop.pdbx_auth_asym_id 
_atom_site_anisotrop.pdbx_auth_atom_id 
1   C C   . ACE A 1  ? 0.0533 0.0702 0.0576 0.0073  -0.0011 -0.0230 0    ACE A C   
2   O O   . ACE A 1  ? 0.0630 0.0487 0.0753 0.0002  0.0037  -0.0195 0    ACE A O   
3   C CH3 . ACE A 1  ? 0.0704 0.0731 0.0735 0.0212  -0.0216 -0.0338 0    ACE A CH3 
4   N N   . PHE A 2  ? 0.0542 0.0654 0.0469 0.0032  0.0086  -0.0239 1    PHE A N   
5   C CA  . PHE A 2  ? 0.0449 0.0668 0.0464 0.0044  0.0073  -0.0150 1    PHE A CA  
6   C C   . PHE A 2  ? 0.0409 0.0475 0.0399 0.0018  0.0139  -0.0064 1    PHE A C   
7   O O   . PHE A 2  ? 0.0436 0.0456 0.0334 0.0043  0.0142  -0.0029 1    PHE A O   
8   C CB  . PHE A 2  ? 0.0511 0.0809 0.0401 0.0068  0.0104  -0.0072 1    PHE A CB  
9   C CG  . PHE A 2  ? 0.0473 0.0723 0.0342 0.0084  0.0104  0.0072  1    PHE A CG  
10  C CD1 . PHE A 2  ? 0.0396 0.0650 0.0588 0.0025  0.0076  0.0113  1    PHE A CD1 
11  C CD2 . PHE A 2  ? 0.0517 0.0908 0.0503 0.0120  -0.0074 -0.0085 1    PHE A CD2 
12  C CE1 . PHE A 2  ? 0.0509 0.0593 0.0759 0.0091  0.0052  0.0087  1    PHE A CE1 
13  C CE2 . PHE A 2  ? 0.0466 0.0959 0.0592 0.0177  -0.0048 0.0070  1    PHE A CE2 
14  C CZ  . PHE A 2  ? 0.0558 0.0609 0.0642 0.0171  0.0032  0.0111  1    PHE A CZ  
15  N N   . AIB A 3  ? 0.0425 0.0650 0.0434 -0.0038 0.0123  -0.0206 2    AIB A N   
16  C CA  . AIB A 3  ? 0.0435 0.0739 0.0372 -0.0095 0.0122  -0.0124 2    AIB A CA  
17  C C   . AIB A 3  ? 0.0308 0.0524 0.0448 -0.0018 0.0084  -0.0144 2    AIB A C   
18  O O   . AIB A 3  ? 0.0444 0.0515 0.0372 -0.0041 0.0106  -0.0109 2    AIB A O   
19  C CB1 . AIB A 3  ? 0.0426 0.1221 0.0484 -0.0095 0.0125  -0.0122 2    AIB A CB1 
20  C CB2 . AIB A 3  ? 0.0657 0.0714 0.0472 -0.0323 0.0210  -0.0141 2    AIB A CB2 
21  N N   . AIB A 4  ? 0.0378 0.0614 0.0429 0.0043  0.0132  -0.0218 3    AIB A N   
22  C CA  . AIB A 4  ? 0.0420 0.0490 0.0535 0.0077  0.0015  -0.0054 3    AIB A CA  
23  C C   . AIB A 4  ? 0.0410 0.0344 0.0464 0.0032  0.0057  -0.0014 3    AIB A C   
24  O O   . AIB A 4  ? 0.0476 0.0434 0.0391 0.0021  0.0042  0.0010  3    AIB A O   
25  C CB1 . AIB A 4  ? 0.0574 0.0529 0.0689 0.0149  0.0087  -0.0118 3    AIB A CB1 
26  C CB2 . AIB A 4  ? 0.0477 0.0688 0.0654 0.0151  -0.0025 -0.0059 3    AIB A CB2 
27  N N   . AIB A 5  ? 0.0363 0.0333 0.0385 0.0031  0.0050  -0.0063 4    AIB A N   
28  C CA  . AIB A 5  ? 0.0383 0.0341 0.0411 0.0024  0.0101  -0.0021 4    AIB A CA  
29  C C   . AIB A 5  ? 0.0327 0.0342 0.0321 0.0039  0.0072  0.0019  4    AIB A C   
30  O O   . AIB A 5  ? 0.0371 0.0410 0.0402 0.0006  0.0147  0.0007  4    AIB A O   
31  C CB1 . AIB A 5  ? 0.0377 0.0370 0.0375 0.0019  0.0063  -0.0064 4    AIB A CB1 
32  C CB2 . AIB A 5  ? 0.0488 0.0353 0.0451 -0.0063 0.0092  0.0013  4    AIB A CB2 
33  N N   . DIV A 6  ? 0.0379 0.0327 0.0335 -0.0025 0.0124  -0.0030 5    DIV A N   
34  C CA  . DIV A 6  ? 0.0426 0.0325 0.0355 -0.0007 0.0086  -0.0059 5    DIV A CA  
35  C CB1 . DIV A 6  ? 0.0449 0.0335 0.0400 -0.0018 0.0097  -0.0030 5    DIV A CB1 
36  C CG1 . DIV A 6  ? 0.0530 0.0456 0.0576 0.0017  0.0032  0.0085  5    DIV A CG1 
37  C CB2 . DIV A 6  ? 0.0422 0.0393 0.0416 -0.0079 0.0111  -0.0049 5    DIV A CB2 
38  C C   . DIV A 6  ? 0.0374 0.0341 0.0387 -0.0041 0.0097  -0.0043 5    DIV A C   
39  O O   . DIV A 6  ? 0.0486 0.0408 0.0385 -0.0012 0.0167  -0.0079 5    DIV A O   
40  N N   . GLY A 7  ? 0.0400 0.0415 0.0371 -0.0003 0.0073  -0.0025 6    GLY A N   
41  C CA  . GLY A 7  ? 0.0401 0.0506 0.0378 -0.0071 0.0025  -0.0028 6    GLY A CA  
42  C C   . GLY A 7  ? 0.0395 0.0421 0.0397 -0.0019 0.0062  -0.0035 6    GLY A C   
43  O O   . GLY A 7  ? 0.0598 0.0620 0.0383 -0.0108 0.0085  -0.0070 6    GLY A O   
44  N N   . LEU A 8  ? 0.0448 0.0408 0.0312 0.0036  0.0086  0.0006  7    LEU A N   
45  C CA  . LEU A 8  ? 0.0411 0.0363 0.0337 0.0050  0.0092  0.0021  7    LEU A CA  
46  C C   . LEU A 8  ? 0.0472 0.0347 0.0372 0.0010  0.0126  0.0016  7    LEU A C   
47  O O   . LEU A 8  ? 0.0574 0.0483 0.0394 0.0117  0.0165  0.0061  7    LEU A O   
48  C CB  . LEU A 8  ? 0.0405 0.0350 0.0421 0.0031  0.0061  -0.0001 7    LEU A CB  
49  C CG  . LEU A 8  ? 0.0399 0.0456 0.0436 0.0053  0.0061  -0.0022 7    LEU A CG  
50  C CD1 . LEU A 8  ? 0.0752 0.0484 0.0594 0.0183  0.0022  -0.0088 7    LEU A CD1 
51  C CD2 . LEU A 8  ? 0.0545 0.0479 0.0581 0.0144  -0.0049 0.0014  7    LEU A CD2 
52  N N   . DIV A 9  ? 0.0376 0.0347 0.0340 0.0047  0.0122  -0.0009 8    DIV A N   
53  C CA  . DIV A 9  ? 0.0341 0.0350 0.0328 0.0021  0.0076  -0.0038 8    DIV A CA  
54  C CB1 . DIV A 9  ? 0.0399 0.0476 0.0502 -0.0052 0.0073  -0.0051 8    DIV A CB1 
55  C CG1 . DIV A 9  ? 0.0606 0.0564 0.0497 -0.0149 0.0122  -0.0097 8    DIV A CG1 
56  C CB2 . DIV A 9  ? 0.0391 0.0487 0.0315 0.0055  0.0025  -0.0059 8    DIV A CB2 
57  C C   . DIV A 9  ? 0.0423 0.0338 0.0317 0.0080  0.0098  -0.0014 8    DIV A C   
58  O O   . DIV A 9  ? 0.0439 0.0411 0.0364 0.0066  0.0128  -0.0045 8    DIV A O   
59  N N   . AIB A 10 ? 0.0398 0.0380 0.0356 -0.0004 0.0117  -0.0084 9    AIB A N   
60  C CA  . AIB A 10 ? 0.0516 0.0394 0.0409 -0.0023 0.0140  -0.0064 9    AIB A CA  
61  C C   . AIB A 10 ? 0.0439 0.0457 0.0389 -0.0053 0.0097  -0.0088 9    AIB A C   
62  O O   . AIB A 10 ? 0.0597 0.0395 0.0454 -0.0065 0.0170  -0.0115 9    AIB A O   
63  C CB1 . AIB A 10 ? 0.0631 0.0508 0.0409 -0.0138 0.0183  -0.0166 9    AIB A CB1 
64  C CB2 . AIB A 10 ? 0.0729 0.0377 0.0396 -0.0024 0.0090  -0.0050 9    AIB A CB2 
65  N N   . HYP A 11 ? 0.0533 0.0530 0.0375 0.0058  0.0114  -0.0068 10   HYP A N   
66  C CA  . HYP A 11 ? 0.0552 0.0721 0.0358 -0.0018 0.0104  -0.0082 10   HYP A CA  
67  C C   . HYP A 11 ? 0.0585 0.0482 0.0461 0.0102  0.0109  0.0029  10   HYP A C   
68  O O   . HYP A 11 ? 0.0775 0.0824 0.0344 0.0183  0.0180  -0.0018 10   HYP A O   
69  C CB  A HYP A 11 ? 0.0728 0.1192 0.0377 0.0346  0.0063  0.0028  10   HYP A CB  
70  C CB  B HYP A 11 ? 0.0522 0.1437 0.0568 0.0324  0.0467  0.0435  10   HYP A CB  
71  C CG  A HYP A 11 ? 0.0768 0.1043 0.0469 0.0251  0.0030  -0.0067 10   HYP A CG  
72  C CG  B HYP A 11 ? 0.0084 0.0830 0.0899 0.0006  -0.0053 0.0269  10   HYP A CG  
73  C CD  A HYP A 11 ? 0.0501 0.0675 0.0442 0.0131  0.0095  0.0022  10   HYP A CD  
74  C CD  B HYP A 11 ? 0.0818 0.0354 0.0556 0.0097  0.0206  -0.0156 10   HYP A CD  
75  O OD1 A HYP A 11 ? 0.0616 0.1988 0.0668 -0.0113 0.0040  -0.0254 10   HYP A OD1 
76  O OD1 B HYP A 11 ? 0.0490 0.2379 0.0541 0.0826  -0.0086 0.0009  10   HYP A OD1 
77  N N   . GLN A 12 ? 0.0565 0.0372 0.0410 0.0007  0.0150  -0.0071 11   GLN A N   
78  C CA  . GLN A 12 ? 0.0558 0.0343 0.0544 -0.0040 0.0156  -0.0026 11   GLN A CA  
79  C C   . GLN A 12 ? 0.0593 0.0425 0.0630 0.0003  0.0061  -0.0072 11   GLN A C   
80  O O   . GLN A 12 ? 0.0621 0.0548 0.0816 0.0051  0.0185  -0.0036 11   GLN A O   
81  C CB  . GLN A 12 ? 0.0700 0.0440 0.0525 -0.0129 0.0162  -0.0095 11   GLN A CB  
82  C CG  . GLN A 12 ? 0.0755 0.0345 0.0792 -0.0121 0.0297  -0.0158 11   GLN A CG  
83  C CD  . GLN A 12 ? 0.0501 0.0353 0.0827 -0.0074 0.0057  -0.0050 11   GLN A CD  
84  O OE1 . GLN A 12 ? 0.0847 0.0722 0.0940 0.0024  -0.0150 -0.0195 11   GLN A OE1 
85  N NE2 . GLN A 12 ? 0.0556 0.0636 0.0532 0.0124  0.0274  0.0212  11   GLN A NE2 
86  N N   A DIV A 13 ? 0.0533 0.0369 0.0685 0.0031  0.0109  -0.0011 12   DIV A N   
87  N N   B DIV A 13 ? 0.0641 0.0339 0.0669 0.0029  0.0049  -0.0025 12   DIV A N   
88  C CA  A DIV A 13 ? 0.0728 0.0409 0.0700 0.0082  -0.0107 -0.0051 12   DIV A CA  
89  C CA  B DIV A 13 ? 0.0632 0.0537 0.0477 0.0113  0.0192  0.0094  12   DIV A CA  
90  C CB1 A DIV A 13 ? 0.1093 0.0866 0.0564 -0.0014 -0.0205 -0.0020 12   DIV A CB1 
91  C CB1 B DIV A 13 ? 0.0524 0.0513 0.0544 0.0152  0.0193  0.0027  12   DIV A CB1 
92  C CG1 A DIV A 13 ? 0.1415 0.1375 0.0848 0.0560  -0.0248 -0.0293 12   DIV A CG1 
93  C CG1 B DIV A 13 ? 0.0494 0.0939 0.0491 -0.0034 0.0234  -0.0045 12   DIV A CG1 
94  C CB2 A DIV A 13 ? 0.0863 0.0470 0.0735 0.0091  0.0071  0.0116  12   DIV A CB2 
95  C CB2 B DIV A 13 ? 0.0705 0.0411 0.0588 0.0122  0.0155  0.0094  12   DIV A CB2 
96  C C   A DIV A 13 ? 0.0603 0.0366 0.0580 0.0075  -0.0082 -0.0054 12   DIV A C   
97  C C   B DIV A 13 ? 0.0764 0.0679 0.0463 0.0283  0.0127  0.0089  12   DIV A C   
98  O O   A DIV A 13 ? 0.0640 0.0500 0.0690 0.0206  -0.0087 0.0034  12   DIV A O   
99  O O   B DIV A 13 ? 0.0676 0.0594 0.0468 0.0233  0.0093  0.0079  12   DIV A O   
100 N N   A HYP A 14 ? 0.0450 0.0504 0.0624 0.0006  -0.0102 0.0080  13   HYP A N   
101 N N   B HYP A 14 ? 0.0527 0.0313 0.0568 0.0154  0.0061  0.0024  13   HYP A N   
102 C CA  A HYP A 14 ? 0.0410 0.0545 0.0604 0.0092  -0.0095 0.0011  13   HYP A CA  
103 C CA  B HYP A 14 ? 0.0479 0.0477 0.0505 0.0154  0.0086  0.0069  13   HYP A CA  
104 C C   A HYP A 14 ? 0.0464 0.0509 0.0600 0.0048  -0.0181 0.0079  13   HYP A C   
105 C C   B HYP A 14 ? 0.0384 0.0518 0.0513 0.0168  -0.0068 -0.0058 13   HYP A C   
106 O O   A HYP A 14 ? 0.0595 0.0814 0.0454 -0.0063 -0.0064 -0.0020 13   HYP A O   
107 O O   B HYP A 14 ? 0.0485 0.0500 0.0465 0.0001  0.0033  -0.0179 13   HYP A O   
108 C CB  A HYP A 14 ? 0.0491 0.0678 0.0694 -0.0074 -0.0136 0.0041  13   HYP A CB  
109 C CB  B HYP A 14 ? 0.0320 0.0605 0.0600 0.0153  0.0005  -0.0036 13   HYP A CB  
110 C CG  A HYP A 14 ? 0.0367 0.0591 0.0848 0.0111  -0.0171 -0.0110 13   HYP A CG  
111 C CG  B HYP A 14 ? 0.0377 0.0639 0.0637 0.0087  0.0169  0.0035  13   HYP A CG  
112 C CD  A HYP A 14 ? 0.0400 0.0529 0.0732 -0.0003 -0.0020 0.0115  13   HYP A CD  
113 C CD  B HYP A 14 ? 0.0391 0.0425 0.0561 0.0070  0.0198  0.0209  13   HYP A CD  
114 O OD1 A HYP A 14 ? 0.0559 0.0617 0.1041 0.0022  -0.0066 -0.0194 13   HYP A OD1 
115 O OD1 B HYP A 14 ? 0.0429 0.0612 0.0656 0.0126  0.0125  -0.0080 13   HYP A OD1 
116 N N   A AIB A 15 ? 0.0554 0.0335 0.0987 0.0147  -0.0065 -0.0022 14   AIB A N   
117 N N   B AIB A 15 ? 0.0588 0.0530 0.0392 0.0130  0.0102  -0.0050 14   AIB A N   
118 C CA  A AIB A 15 ? 0.0848 0.0332 0.0987 0.0068  0.0005  -0.0004 14   AIB A CA  
119 C CA  B AIB A 15 ? 0.0646 0.0525 0.0413 0.0099  0.0048  -0.0088 14   AIB A CA  
120 C C   A AIB A 15 ? 0.0674 0.0263 0.0763 -0.0043 -0.0043 -0.0111 14   AIB A C   
121 C C   B AIB A 15 ? 0.0587 0.0385 0.0225 -0.0046 0.0036  -0.0127 14   AIB A C   
122 O O   A AIB A 15 ? 0.0682 0.0740 0.0915 -0.0184 -0.0089 0.0319  14   AIB A O   
123 O O   B AIB A 15 ? 0.0527 0.0610 0.0298 0.0106  0.0048  0.0007  14   AIB A O   
124 C CB1 A AIB A 15 ? 0.1034 0.0406 0.1285 0.0073  0.0174  -0.0242 14   AIB A CB1 
125 C CB1 B AIB A 15 ? 0.0559 0.0683 0.0776 0.0099  -0.0005 0.0300  14   AIB A CB1 
126 C CB2 A AIB A 15 ? 0.1039 0.0595 0.1158 0.0081  -0.0105 0.0225  14   AIB A CB2 
127 C CB2 B AIB A 15 ? 0.1107 0.0456 0.0507 -0.0044 0.0425  -0.0135 14   AIB A CB2 
128 N N   A PRO A 16 ? 0.0865 0.0734 0.0528 0.0304  0.0214  0.0085  15   PRO A N   
129 N N   B PRO A 16 ? 0.0999 0.0502 0.0427 0.0416  0.0296  0.0096  15   PRO A N   
130 C CA  A PRO A 16 ? 0.0862 0.0602 0.0521 0.0234  0.0345  -0.0040 15   PRO A CA  
131 C CA  B PRO A 16 ? 0.1000 0.0446 0.0468 0.0436  0.0316  0.0060  15   PRO A CA  
132 C C   A PRO A 16 ? 0.0462 0.0654 0.0499 0.0026  0.0137  0.0024  15   PRO A C   
133 C C   B PRO A 16 ? 0.0620 0.0523 0.0455 0.0175  0.0257  0.0010  15   PRO A C   
134 O O   A PRO A 16 ? 0.0562 0.0755 0.0699 0.0161  -0.0018 -0.0304 15   PRO A O   
135 O O   B PRO A 16 ? 0.0551 0.0734 0.0922 0.0218  0.0189  -0.0114 15   PRO A O   
136 C CB  A PRO A 16 ? 0.0778 0.0743 0.0525 0.0297  0.0283  -0.0066 15   PRO A CB  
137 C CB  B PRO A 16 ? 0.0924 0.0561 0.0495 0.0497  0.0286  0.0077  15   PRO A CB  
138 C CG  A PRO A 16 ? 0.0736 0.1077 0.0409 0.0109  0.0020  0.0179  15   PRO A CG  
139 C CG  B PRO A 16 ? 0.0931 0.0557 0.0561 0.0476  0.0289  0.0187  15   PRO A CG  
140 C CD  A PRO A 16 ? 0.0775 0.1019 0.0405 0.0232  0.0227  -0.0030 15   PRO A CD  
141 C CD  B PRO A 16 ? 0.0948 0.0878 0.0277 0.0527  0.0187  0.0139  15   PRO A CD  
142 N N   A PHL A 17 ? 0.0500 0.0730 0.0474 0.0179  0.0145  -0.0069 16   PHL A N   
143 N N   B PHL A 17 ? 0.0596 0.0495 0.0545 0.0366  0.0142  0.0054  16   PHL A N   
144 C CA  A PHL A 17 ? 0.0769 0.0967 0.0530 -0.0100 0.0114  -0.0262 16   PHL A CA  
145 C CA  B PHL A 17 ? 0.0744 0.0516 0.0427 0.0220  0.0169  0.0070  16   PHL A CA  
146 C C   A PHL A 17 ? 0.0938 0.1694 0.0511 -0.0611 0.0042  -0.0264 16   PHL A C   
147 C C   B PHL A 17 ? 0.1081 0.0491 0.0477 0.0190  0.0202  0.0010  16   PHL A C   
148 O O   A PHL A 17 ? 0.0803 0.1284 0.0619 -0.0323 0.0230  -0.0316 16   PHL A O   
149 O O   B PHL A 17 ? 0.1254 0.0557 0.0592 0.0020  0.0404  -0.0004 16   PHL A O   
150 C CB  A PHL A 17 ? 0.0742 0.0867 0.0732 -0.0075 -0.0004 -0.0104 16   PHL A CB  
151 C CB  B PHL A 17 ? 0.0679 0.0653 0.0453 0.0201  0.0024  -0.0091 16   PHL A CB  
152 C CG  A PHL A 17 ? 0.0365 0.0776 0.0806 -0.0155 -0.0099 0.0023  16   PHL A CG  
153 C CG  B PHL A 17 ? 0.0367 0.0383 0.0481 0.0032  -0.0016 -0.0056 16   PHL A CG  
154 C CD1 A PHL A 17 ? 0.0650 0.1005 0.0609 0.0055  -0.0157 -0.0215 16   PHL A CD1 
155 C CD1 B PHL A 17 ? 0.0346 0.0359 0.0604 -0.0034 -0.0071 -0.0095 16   PHL A CD1 
156 C CD2 A PHL A 17 ? 0.0774 0.0695 0.0776 -0.0003 0.0132  0.0307  16   PHL A CD2 
157 C CD2 B PHL A 17 ? 0.0657 0.0428 0.0486 0.0132  0.0087  0.0086  16   PHL A CD2 
158 C CE1 A PHL A 17 ? 0.1074 0.0757 0.0713 0.0243  0.0257  0.0081  16   PHL A CE1 
159 C CE1 B PHL A 17 ? 0.0545 0.0509 0.0529 0.0238  -0.0142 -0.0139 16   PHL A CE1 
160 C CE2 A PHL A 17 ? 0.0686 0.0799 0.0767 0.0183  -0.0016 0.0221  16   PHL A CE2 
161 C CE2 B PHL A 17 ? 0.0949 0.0286 0.0664 0.0267  0.0389  0.0161  16   PHL A CE2 
162 C CZ  A PHL A 17 ? 0.0637 0.0312 0.0738 0.0022  0.0078  0.0103  16   PHL A CZ  
163 C CZ  B PHL A 17 ? 0.1087 0.0346 0.0534 0.0257  0.0092  0.0004  16   PHL A CZ  
164 C C   A ACE B 1  ? 0.0595 0.0850 0.0432 -0.0204 -0.0032 0.0073  0    ACE B C   
165 C C   B ACE B 1  ? 0.2365 0.1031 0.1210 0.0492  -0.0631 -0.0352 0    ACE B C   
166 O O   A ACE B 1  ? 0.0873 0.1061 0.0455 -0.0332 0.0108  0.0160  0    ACE B O   
167 O O   B ACE B 1  ? 0.2465 0.0521 0.1912 -0.0217 -0.0417 -0.0041 0    ACE B O   
168 C CH3 A ACE B 1  ? 0.0960 0.1808 0.0867 0.0281  0.0103  -0.0198 0    ACE B CH3 
169 C CH3 B ACE B 1  ? 0.4827 0.1955 0.2240 0.1516  -0.0215 -0.0987 0    ACE B CH3 
170 N N   A PHE B 2  ? 0.0586 0.0824 0.0342 -0.0252 0.0149  -0.0052 1    PHE B N   
171 N N   B PHE B 2  ? 0.1985 0.1114 0.0772 0.0354  -0.0292 -0.0187 1    PHE B N   
172 C CA  A PHE B 2  ? 0.1030 0.0249 0.0368 -0.0170 0.0008  0.0047  1    PHE B CA  
173 C CA  B PHE B 2  ? 0.1151 0.0716 0.0603 -0.0080 -0.0165 0.0038  1    PHE B CA  
174 C C   A PHE B 2  ? 0.0500 0.0349 0.0472 -0.0053 0.0142  -0.0039 1    PHE B C   
175 C C   B PHE B 2  ? 0.0781 0.0431 0.0585 -0.0024 -0.0038 0.0098  1    PHE B C   
176 O O   A PHE B 2  ? 0.0611 0.0592 0.0375 -0.0048 0.0178  0.0057  1    PHE B O   
177 O O   B PHE B 2  ? 0.0922 0.0655 0.0459 0.0000  0.0137  0.0118  1    PHE B O   
178 C CB  A PHE B 2  ? 0.0785 0.0809 0.0522 -0.0183 -0.0057 0.0105  1    PHE B CB  
179 C CB  B PHE B 2  ? 0.1018 0.1082 0.0604 0.0142  -0.0108 0.0266  1    PHE B CB  
180 C CG  A PHE B 2  ? 0.0624 0.0520 0.0706 0.0038  -0.0161 0.0079  1    PHE B CG  
181 C CG  B PHE B 2  ? 0.0883 0.0726 0.0573 0.0316  -0.0182 0.0267  1    PHE B CG  
182 C CD1 A PHE B 2  ? 0.0351 0.0458 0.0754 0.0105  -0.0148 -0.0108 1    PHE B CD1 
183 C CD1 B PHE B 2  ? 0.1185 0.0665 0.0733 0.0126  0.0007  0.0073  1    PHE B CD1 
184 C CD2 A PHE B 2  ? 0.0812 0.0562 0.0697 -0.0084 0.0022  0.0040  1    PHE B CD2 
185 C CD2 B PHE B 2  ? 0.0682 0.0714 0.0716 0.0107  -0.0196 0.0112  1    PHE B CD2 
186 C CE1 A PHE B 2  ? 0.0653 0.0567 0.0789 -0.0171 0.0197  0.0000  1    PHE B CE1 
187 C CE1 B PHE B 2  ? 0.1213 0.0463 0.0952 0.0109  0.0085  -0.0124 1    PHE B CE1 
188 C CE2 A PHE B 2  ? 0.0619 0.0615 0.0707 -0.0119 -0.0072 0.0114  1    PHE B CE2 
189 C CE2 B PHE B 2  ? 0.1047 0.0440 0.1039 -0.0008 0.0278  -0.0268 1    PHE B CE2 
190 C CZ  A PHE B 2  ? 0.0459 0.0533 0.0703 -0.0078 -0.0156 0.0014  1    PHE B CZ  
191 C CZ  B PHE B 2  ? 0.0889 0.0730 0.0857 0.0008  0.0036  -0.0155 1    PHE B CZ  
192 N N   A AIB B 3  ? 0.0589 0.0338 0.0473 -0.0115 0.0134  -0.0077 2    AIB B N   
193 N N   B AIB B 3  ? 0.0945 0.0434 0.0434 0.0103  0.0054  -0.0077 2    AIB B N   
194 C CA  A AIB B 3  ? 0.0656 0.0605 0.0522 -0.0154 0.0221  -0.0270 2    AIB B CA  
195 C CA  B AIB B 3  ? 0.0485 0.0829 0.0445 -0.0200 0.0206  -0.0245 2    AIB B CA  
196 C C   A AIB B 3  ? 0.0626 0.0568 0.0524 -0.0138 0.0064  -0.0129 2    AIB B C   
197 C C   B AIB B 3  ? 0.0472 0.0645 0.0426 -0.0055 0.0185  -0.0183 2    AIB B C   
198 O O   A AIB B 3  ? 0.0521 0.0590 0.0420 -0.0011 0.0112  0.0013  2    AIB B O   
199 O O   B AIB B 3  ? 0.0553 0.0456 0.0300 0.0048  0.0085  -0.0108 2    AIB B O   
200 C CB1 A AIB B 3  ? 0.0772 0.0662 0.0420 -0.0245 0.0096  -0.0259 2    AIB B CB1 
201 C CB1 B AIB B 3  ? 0.1136 0.0873 0.0437 -0.0435 0.0156  -0.0033 2    AIB B CB1 
202 C CB2 A AIB B 3  ? 0.0750 0.0521 0.0344 -0.0283 0.0153  -0.0158 2    AIB B CB2 
203 C CB2 B AIB B 3  ? 0.0587 0.1441 0.0650 0.0055  0.0371  0.0211  2    AIB B CB2 
204 N N   A AIB B 4  ? 0.0508 0.0634 0.0528 -0.0151 0.0087  -0.0143 3    AIB B N   
205 N N   B AIB B 4  ? 0.0915 0.0541 0.0409 0.0073  0.0342  -0.0209 3    AIB B N   
206 C CA  . AIB B 4  ? 0.0686 0.0634 0.0440 0.0026  0.0072  -0.0063 3    AIB B CA  
207 C C   . AIB B 4  ? 0.0616 0.0442 0.0422 -0.0061 0.0082  -0.0036 3    AIB B C   
208 O O   . AIB B 4  ? 0.0711 0.0492 0.0369 -0.0049 0.0116  -0.0005 3    AIB B O   
209 C CB1 . AIB B 4  ? 0.0987 0.0558 0.0529 0.0050  0.0088  -0.0045 3    AIB B CB1 
210 C CB2 . AIB B 4  ? 0.0627 0.1051 0.0600 0.0165  -0.0028 -0.0159 3    AIB B CB2 
211 N N   . AIB B 5  ? 0.0620 0.0463 0.0325 -0.0080 0.0056  -0.0047 4    AIB B N   
212 C CA  . AIB B 5  ? 0.0561 0.0429 0.0399 -0.0151 0.0014  -0.0014 4    AIB B CA  
213 C C   . AIB B 5  ? 0.0457 0.0426 0.0349 -0.0091 -0.0014 0.0031  4    AIB B C   
214 O O   . AIB B 5  ? 0.0580 0.0447 0.0366 -0.0093 0.0083  0.0031  4    AIB B O   
215 C CB1 . AIB B 5  ? 0.0683 0.0660 0.0359 -0.0141 -0.0056 -0.0033 4    AIB B CB1 
216 C CB2 . AIB B 5  ? 0.0773 0.0453 0.0578 -0.0277 0.0121  -0.0059 4    AIB B CB2 
217 N N   . DIV B 6  ? 0.0598 0.0388 0.0333 -0.0103 0.0069  0.0000  5    DIV B N   
218 C CA  . DIV B 6  ? 0.0538 0.0396 0.0376 -0.0086 0.0017  0.0000  5    DIV B CA  
219 C CB1 . DIV B 6  ? 0.0661 0.0447 0.0446 0.0013  0.0000  0.0053  5    DIV B CB1 
220 C CG1 . DIV B 6  ? 0.0877 0.0820 0.0693 0.0003  -0.0146 0.0268  5    DIV B CG1 
221 C CB2 . DIV B 6  ? 0.0723 0.0415 0.0437 -0.0176 0.0104  -0.0012 5    DIV B CB2 
222 C C   . DIV B 6  ? 0.0427 0.0338 0.0405 -0.0103 0.0062  0.0008  5    DIV B C   
223 O O   . DIV B 6  ? 0.0535 0.0412 0.0367 -0.0010 0.0065  -0.0082 5    DIV B O   
224 N N   . GLY B 7  ? 0.0437 0.0435 0.0389 -0.0046 0.0082  0.0020  6    GLY B N   
225 C CA  . GLY B 7  ? 0.0366 0.0524 0.0419 0.0005  0.0020  -0.0045 6    GLY B CA  
226 C C   . GLY B 7  ? 0.0389 0.0448 0.0402 0.0073  0.0022  0.0007  6    GLY B C   
227 O O   . GLY B 7  ? 0.0537 0.0612 0.0360 -0.0037 0.0013  -0.0077 6    GLY B O   
228 N N   . LEU B 8  ? 0.0474 0.0402 0.0291 0.0009  0.0057  0.0002  7    LEU B N   
229 C CA  . LEU B 8  ? 0.0489 0.0367 0.0331 0.0017  0.0091  0.0016  7    LEU B CA  
230 C C   . LEU B 8  ? 0.0525 0.0397 0.0310 -0.0032 0.0125  -0.0034 7    LEU B C   
231 O O   . LEU B 8  ? 0.0762 0.0461 0.0374 0.0076  0.0226  0.0045  7    LEU B O   
232 C CB  . LEU B 8  ? 0.0454 0.0404 0.0408 0.0014  0.0104  0.0036  7    LEU B CB  
233 C CG  . LEU B 8  ? 0.0411 0.0477 0.0422 0.0018  0.0158  -0.0008 7    LEU B CG  
234 C CD1 . LEU B 8  ? 0.0507 0.0508 0.0547 0.0039  0.0154  -0.0050 7    LEU B CD1 
235 C CD2 . LEU B 8  ? 0.0546 0.0542 0.0556 0.0202  0.0131  0.0002  7    LEU B CD2 
236 N N   . DIV B 9  ? 0.0448 0.0330 0.0355 -0.0008 0.0107  -0.0026 8    DIV B N   
237 C CA  . DIV B 9  ? 0.0404 0.0350 0.0467 -0.0007 0.0082  -0.0036 8    DIV B CA  
238 C CB1 . DIV B 9  ? 0.0476 0.0537 0.0453 -0.0090 0.0140  -0.0128 8    DIV B CB1 
239 C CG1 . DIV B 9  ? 0.0596 0.0593 0.0650 -0.0247 0.0184  -0.0201 8    DIV B CG1 
240 C CB2 . DIV B 9  ? 0.0416 0.0602 0.0433 0.0031  -0.0002 0.0007  8    DIV B CB2 
241 C C   . DIV B 9  ? 0.0351 0.0383 0.0422 0.0018  0.0064  -0.0073 8    DIV B C   
242 O O   . DIV B 9  ? 0.0374 0.0439 0.0424 0.0003  0.0100  -0.0055 8    DIV B O   
243 N N   . AIB B 10 ? 0.0382 0.0421 0.0455 -0.0018 0.0123  -0.0131 9    AIB B N   
244 C CA  . AIB B 10 ? 0.0379 0.0436 0.0430 -0.0099 0.0101  -0.0072 9    AIB B CA  
245 C C   . AIB B 10 ? 0.0319 0.0355 0.0445 -0.0035 0.0096  -0.0132 9    AIB B C   
246 O O   . AIB B 10 ? 0.0355 0.0357 0.0529 -0.0027 0.0106  -0.0093 9    AIB B O   
247 C CB1 . AIB B 10 ? 0.0453 0.0671 0.0494 -0.0148 0.0179  -0.0205 9    AIB B CB1 
248 C CB2 . AIB B 10 ? 0.0558 0.0431 0.0495 -0.0079 0.0134  -0.0035 9    AIB B CB2 
249 N N   . HYP B 11 ? 0.0374 0.0473 0.0471 0.0069  0.0070  -0.0122 10   HYP B N   
250 C CA  . HYP B 11 ? 0.0476 0.0579 0.0441 0.0160  0.0076  -0.0093 10   HYP B CA  
251 C C   . HYP B 11 ? 0.0473 0.0441 0.0465 0.0128  0.0064  0.0028  10   HYP B C   
252 O O   . HYP B 11 ? 0.0563 0.0953 0.0420 0.0283  0.0086  -0.0052 10   HYP B O   
253 C CB  . HYP B 11 ? 0.0628 0.0864 0.0567 0.0331  0.0043  0.0036  10   HYP B CB  
254 C CG  . HYP B 11 ? 0.0609 0.0768 0.0654 0.0251  -0.0052 -0.0152 10   HYP B CG  
255 C CD  . HYP B 11 ? 0.0415 0.0498 0.0646 0.0134  0.0065  -0.0138 10   HYP B CD  
256 O OD1 . HYP B 11 ? 0.0573 0.0984 0.0649 0.0161  -0.0010 -0.0156 10   HYP B OD1 
257 N N   . GLN B 12 ? 0.0437 0.0363 0.0425 0.0007  0.0171  -0.0049 11   GLN B N   
258 C CA  . GLN B 12 ? 0.0383 0.0348 0.0443 -0.0024 0.0163  -0.0019 11   GLN B CA  
259 C C   . GLN B 12 ? 0.0372 0.0387 0.0387 -0.0028 0.0122  -0.0096 11   GLN B C   
260 O O   . GLN B 12 ? 0.0391 0.0387 0.0592 -0.0011 0.0174  -0.0074 11   GLN B O   
261 C CB  . GLN B 12 ? 0.0512 0.0398 0.0540 -0.0069 0.0154  -0.0097 11   GLN B CB  
262 C CG  . GLN B 12 ? 0.0492 0.0391 0.0785 -0.0104 0.0188  -0.0110 11   GLN B CG  
263 C CD  . GLN B 12 ? 0.0536 0.0362 0.0797 -0.0171 -0.0042 0.0065  11   GLN B CD  
264 O OE1 . GLN B 12 ? 0.0934 0.0712 0.1143 0.0065  -0.0354 -0.0138 11   GLN B OE1 
265 N NE2 . GLN B 12 ? 0.0380 0.0676 0.0557 0.0036  0.0155  0.0263  11   GLN B NE2 
266 N N   . DIV B 13 ? 0.0309 0.0415 0.0502 0.0016  0.0088  -0.0019 12   DIV B N   
267 C CA  . DIV B 13 ? 0.0398 0.0366 0.0474 0.0022  0.0030  0.0012  12   DIV B CA  
268 C CB1 . DIV B 13 ? 0.0418 0.0486 0.0464 -0.0014 0.0040  0.0015  12   DIV B CB1 
269 C CG1 . DIV B 13 ? 0.0514 0.0713 0.0527 -0.0060 0.0090  -0.0056 12   DIV B CG1 
270 C CB2 . DIV B 13 ? 0.0432 0.0435 0.0590 -0.0021 0.0024  0.0085  12   DIV B CB2 
271 C C   . DIV B 13 ? 0.0419 0.0324 0.0503 0.0005  -0.0042 -0.0002 12   DIV B C   
272 O O   . DIV B 13 ? 0.0484 0.0481 0.0510 0.0102  -0.0023 -0.0042 12   DIV B O   
273 N N   . HYP B 14 ? 0.0446 0.0396 0.0438 0.0013  -0.0074 -0.0059 13   HYP B N   
274 C CA  . HYP B 14 ? 0.0648 0.0475 0.0528 0.0117  -0.0085 -0.0180 13   HYP B CA  
275 C C   . HYP B 14 ? 0.0696 0.0524 0.0421 0.0221  -0.0014 -0.0082 13   HYP B C   
276 O O   . HYP B 14 ? 0.0693 0.0743 0.0479 0.0248  0.0033  -0.0257 13   HYP B O   
277 C CB  . HYP B 14 ? 0.0824 0.0782 0.0500 0.0159  -0.0117 -0.0215 13   HYP B CB  
278 C CG  . HYP B 14 ? 0.0705 0.0747 0.0626 -0.0138 -0.0214 -0.0038 13   HYP B CG  
279 C CD  . HYP B 14 ? 0.0415 0.0553 0.0558 -0.0071 -0.0044 0.0040  13   HYP B CD  
280 O OD1 . HYP B 14 ? 0.1199 0.0784 0.1129 -0.0401 -0.0409 0.0004  13   HYP B OD1 
281 N N   . AIB B 15 ? 0.0525 0.0538 0.0439 0.0111  0.0131  -0.0102 14   AIB B N   
282 C CA  . AIB B 15 ? 0.0685 0.0539 0.0603 0.0111  0.0288  -0.0026 14   AIB B CA  
283 C C   . AIB B 15 ? 0.0571 0.0497 0.0467 0.0024  0.0154  -0.0104 14   AIB B C   
284 O O   . AIB B 15 ? 0.0568 0.0707 0.0435 0.0110  0.0206  -0.0040 14   AIB B O   
285 C CB1 . AIB B 15 ? 0.0732 0.0512 0.1092 -0.0076 0.0475  -0.0211 14   AIB B CB1 
286 C CB2 . AIB B 15 ? 0.0894 0.0774 0.0907 0.0389  0.0397  0.0260  14   AIB B CB2 
287 N N   . PRO B 16 ? 0.0500 0.0553 0.0326 0.0003  0.0108  -0.0084 15   PRO B N   
288 C CA  . PRO B 16 ? 0.0505 0.0606 0.0435 0.0006  0.0042  -0.0070 15   PRO B CA  
289 C C   . PRO B 16 ? 0.0473 0.0544 0.0344 0.0032  0.0070  0.0020  15   PRO B C   
290 O O   . PRO B 16 ? 0.0462 0.0735 0.0429 0.0155  0.0046  -0.0079 15   PRO B O   
291 C CB  . PRO B 16 ? 0.0631 0.0709 0.0435 0.0032  -0.0026 -0.0127 15   PRO B CB  
292 C CG  . PRO B 16 ? 0.0750 0.0678 0.0436 -0.0009 0.0006  -0.0016 15   PRO B CG  
293 C CD  . PRO B 16 ? 0.0691 0.0750 0.0376 0.0046  0.0115  -0.0077 15   PRO B CD  
294 N N   . PHL B 17 ? 0.0422 0.0565 0.0554 0.0013  0.0125  -0.0127 16   PHL B N   
295 C CA  . PHL B 17 ? 0.0585 0.0553 0.0585 0.0002  0.0186  -0.0211 16   PHL B CA  
296 C C   . PHL B 17 ? 0.1172 0.0811 0.0575 -0.0287 0.0411  -0.0232 16   PHL B C   
297 O O   A PHL B 17 ? 0.0685 0.0719 0.0406 0.0094  0.0042  -0.0159 16   PHL B O   
298 O O   B PHL B 17 ? 0.0491 0.0809 0.0460 -0.0018 0.0124  -0.0220 16   PHL B O   
299 C CB  . PHL B 17 ? 0.0498 0.0497 0.0527 0.0019  0.0070  -0.0156 16   PHL B CB  
300 C CG  . PHL B 17 ? 0.0457 0.0447 0.0542 -0.0057 0.0013  -0.0071 16   PHL B CG  
301 C CD1 . PHL B 17 ? 0.0568 0.0597 0.0601 0.0082  0.0123  0.0008  16   PHL B CD1 
302 C CD2 . PHL B 17 ? 0.0468 0.0533 0.0743 0.0025  -0.0094 -0.0156 16   PHL B CD2 
303 C CE1 . PHL B 17 ? 0.0585 0.0725 0.0636 -0.0022 0.0155  -0.0041 16   PHL B CE1 
304 C CE2 . PHL B 17 ? 0.0738 0.0531 0.0827 -0.0012 -0.0335 -0.0012 16   PHL B CE2 
305 C CZ  . PHL B 17 ? 0.0908 0.0715 0.0609 -0.0104 -0.0150 0.0026  16   PHL B CZ  
306 C C1  . EOH C .  ? 0.6300 0.4721 0.1794 -0.1469 -0.0906 0.1682  29   EOH A C1  
307 C C2  . EOH C .  ? 0.2156 0.1803 0.1507 -0.0105 -0.0493 0.0504  29   EOH A C2  
308 O O   . EOH C .  ? 0.1376 0.1259 0.1045 -0.0187 -0.0403 -0.0144 29   EOH A O   
309 C C   . ACT D .  ? 0.0728 0.1839 0.2347 -0.0040 -0.0489 0.1149  29   ACT B C   
310 O O   . ACT D .  ? 0.0656 0.0922 0.1083 0.0073  -0.0031 0.0278  29   ACT B O   
311 O OXT . ACT D .  ? 0.3063 0.2619 0.5506 -0.0905 -0.1879 0.2864  29   ACT B OXT 
312 C CH3 . ACT D .  ? 0.2818 0.2875 0.1687 0.1207  -0.1075 -0.0302 29   ACT B CH3 
313 C C1  . EOH E .  ? 0.0883 0.3294 0.0934 -0.0361 -0.0181 0.0494  30   EOH B C1  
314 C C2  . EOH E .  ? 0.0544 0.0968 0.0829 0.0181  0.0093  0.0178  30   EOH B C2  
315 O O   . EOH E .  ? 0.7030 0.4176 0.2128 0.4256  0.0652  -0.0231 30   EOH B O   
316 O O   . HOH F .  ? 0.0914 0.1118 0.0868 0.0182  0.0048  0.0349  2001 HOH A O   
317 O O   . HOH F .  ? 0.1328 0.1309 0.5337 0.0862  -0.0218 0.0172  2002 HOH A O   
318 O O   . HOH F .  ? 0.1436 0.1775 0.0640 0.0554  0.0182  -0.0348 2003 HOH A O   
319 O O   A HOH F .  ? 0.0439 0.0633 0.0451 -0.0085 0.0134  -0.0093 2004 HOH A O   
320 O O   . HOH F .  ? 0.1323 0.1762 0.0631 0.0677  -0.0093 -0.0341 2005 HOH A O   
321 O O   B HOH F .  ? 0.0880 0.5090 0.1140 -0.0014 0.0013  -0.0976 2006 HOH A O   
322 O O   . HOH F .  ? 0.0914 0.2935 0.1984 -0.0341 -0.0518 0.1303  2007 HOH A O   
323 O O   A HOH F .  ? 0.0549 0.0393 0.0547 0.0028  0.0060  -0.0012 2008 HOH A O   
324 O O   . HOH F .  ? 0.6751 0.6231 0.1302 0.5574  -0.1715 -0.1344 2009 HOH A O   
325 O O   A HOH F .  ? 0.5246 0.5522 0.0870 0.4289  -0.1644 -0.2111 2010 HOH A O   
326 O O   A HOH F .  ? 0.0779 0.0719 0.1212 -0.0015 -0.0042 0.0088  2011 HOH A O   
327 O O   B HOH F .  ? 0.4878 0.0848 0.0813 0.1198  0.1043  0.0236  2012 HOH A O   
328 O O   . HOH F .  ? 0.1352 0.1537 0.1633 -0.0267 -0.0315 -0.0474 2013 HOH A O   
329 O O   A HOH F .  ? 0.2227 0.4609 0.1693 -0.1593 -0.0400 0.0415  2014 HOH A O   
330 O O   A HOH G .  ? 0.8288 1.1612 0.1729 0.1688  0.1103  -0.2809 2001 HOH B O   
331 O O   A HOH G .  ? 0.4778 0.1842 0.1267 -0.0209 0.1736  -0.0600 2002 HOH B O   
332 O O   . HOH G .  ? 0.1620 0.0682 0.1752 -0.0332 -0.1227 0.0295  2003 HOH B O   
333 O O   A HOH G .  ? 0.0200 0.0493 0.0452 0.0010  0.0028  0.0069  2004 HOH B O   
334 O O   . HOH G .  ? 0.0900 0.0621 0.0697 -0.0071 0.0016  0.0132  2005 HOH B O   
335 O O   . HOH G .  ? 0.0647 0.0911 0.0654 0.0221  -0.0026 -0.0079 2006 HOH B O   
336 O O   . HOH G .  ? 0.1136 0.1174 0.0676 0.0358  -0.0191 -0.0094 2007 HOH B O   
337 O O   . HOH G .  ? 0.3245 0.3054 0.0540 0.2582  0.0537  0.0262  2008 HOH B O   
338 O O   . HOH G .  ? 0.2003 0.1265 0.1058 0.0591  -0.0134 -0.0379 2009 HOH B O   
339 O O   . HOH G .  ? 0.0812 0.0981 0.0913 0.0253  -0.0176 -0.0378 2010 HOH B O   
340 O O   A HOH G .  ? 0.0225 0.0508 0.0644 -0.0057 0.0127  0.0038  2011 HOH B O   
341 O O   A HOH G .  ? 0.0579 0.0491 0.0467 0.0024  0.0036  0.0054  2012 HOH B O   
# 
